data_5VHE
#
_entry.id   5VHE
#
_cell.length_a   72.526
_cell.length_b   79.282
_cell.length_c   212.077
_cell.angle_alpha   90.00
_cell.angle_beta   90.00
_cell.angle_gamma   90.00
#
_symmetry.space_group_name_H-M   'P 21 21 21'
#
loop_
_entity.id
_entity.type
_entity.pdbx_description
1 polymer 'DEAH (Asp-Glu-Ala-His) box polypeptide 36'
2 polymer "DNA (5'-D(*AP*GP*GP*GP*TP*GP*GP*GP*TP*AP*GP*GP*GP*TP*GP*GP*GP*TP*TP*TP*TP*TP*TP*T)-3')"
3 non-polymer 'POTASSIUM ION'
#
loop_
_entity_poly.entity_id
_entity_poly.type
_entity_poly.pdbx_seq_one_letter_code
_entity_poly.pdbx_strand_id
1 'polypeptide(L)'
;GHPGHLKGREIGLWYAKKQGQKNKEAERQERAVVHMDERREEQIVQLLHSVQTKNDKDEEAQISWFAPEDHGYGTEAYID
RDSEYLLQENEPDATLDQQLLEDLQKKKTDLRYIEMQRFREKLPSYGMQKELVNMIDNHQVTVISGETGCGKTTQVTQFI
LDNYIERGKGSACRIVCTQPRRISAISVAERVAAERAESCGNGNSTGYQIRLQSRLPRKQGSILYCTTGIILQWLQSDPH
LSSVSHIVLDEIHERNLQSDVLMTVVKDLLSYRPDLKVVLMSATLNAEKFSEYFGNCPMIHIPGFTFPVVEYLLEDIIEK
IRYVPEQKEHRSQFKKGFMQGHVNRQEKYYYEAIYKERWPGYLRELRQRYSASTVDVVEMMDDEKVDLNLIAALIRYIVL
EEEDGAILVFLPGWDNISTLHDLLMSQVMFKSDKFIIIPLHSLMPTVNQTQVFKRTPPGVRKIVIATNIAETSITIDDVV
YVIDGGKIKETHFDTQNNISTMSAEWVSKANAKQRKGRAGRVQPGHCYHLYNSLRASLLDDYQLPEILRTPLEELCLQIK
ILRLGGIAHFLSRLMDPPSNEAVLLSIKHLMELNALDKQEELTPLGVHLARLPVEPHIGKMILFGALFCCLDPVLTIAAS
LSFKDPFVIPLGKEKVADARRKELAAATASDHLTVVNAFKGWEKAKQRGFRYEKDYCWEYFLSSNTLQMLHNMKGQFAEH
LLGAGFVSSRNPQDPESNINSDNEKIIKAVICAGLYPKVAKIRLNLGKKRKMVKVYTKTDGVVAIHPKSVNVEQTEFNYN
WLIYHLKMRTSSIYLYDCTEVSPYCLLFFGGDISIQKDNDQETIAVDEWIIFQSPARIAHLVKELRKELDILLQEKIESP
HPVDWKDTKSRDCAVLSAIIDLIKTQEKATPRNLPPRFQDGYYSPHHHHHHHH
;
A
2 'polydeoxyribonucleotide'
;(DA)(DG)(DG)(DG)(DT)(DG)(DG)(DG)(DT)(DA)(DG)(DG)(DG)(DT)(DG)(DG)(DG)(DT)(DT)(DT)
(DT)(DT)(DT)(DT)
;
B
#
loop_
_chem_comp.id
_chem_comp.type
_chem_comp.name
_chem_comp.formula
DA DNA linking 2'-DEOXYADENOSINE-5'-MONOPHOSPHATE 'C10 H14 N5 O6 P'
DG DNA linking 2'-DEOXYGUANOSINE-5'-MONOPHOSPHATE 'C10 H14 N5 O7 P'
DT DNA linking THYMIDINE-5'-MONOPHOSPHATE 'C10 H15 N2 O8 P'
K non-polymer 'POTASSIUM ION' 'K 1'
#
# COMPACT_ATOMS: atom_id res chain seq x y z
N PRO A 3 -17.73 -33.99 35.17
CA PRO A 3 -16.50 -33.37 35.68
C PRO A 3 -16.46 -33.32 37.20
N GLY A 4 -16.10 -34.44 37.83
CA GLY A 4 -16.09 -34.49 39.28
C GLY A 4 -15.11 -33.54 39.93
N HIS A 5 -13.99 -33.26 39.25
CA HIS A 5 -12.98 -32.37 39.80
C HIS A 5 -12.81 -31.12 38.94
N LEU A 6 -11.55 -30.70 38.75
CA LEU A 6 -11.17 -29.50 38.01
C LEU A 6 -11.67 -28.23 38.70
N LYS A 7 -10.80 -27.24 38.81
CA LYS A 7 -11.16 -25.98 39.45
C LYS A 7 -12.12 -25.21 38.55
N GLY A 8 -12.41 -23.97 38.93
CA GLY A 8 -13.33 -23.14 38.19
C GLY A 8 -12.94 -22.94 36.73
N ARG A 9 -11.76 -22.36 36.50
CA ARG A 9 -11.32 -22.09 35.13
C ARG A 9 -11.15 -23.37 34.33
N GLU A 10 -10.88 -24.50 35.01
CA GLU A 10 -10.66 -25.75 34.31
C GLU A 10 -11.95 -26.41 33.86
N ILE A 11 -13.07 -26.13 34.54
CA ILE A 11 -14.35 -26.71 34.16
C ILE A 11 -14.71 -26.32 32.73
N GLY A 12 -14.57 -25.02 32.42
CA GLY A 12 -14.81 -24.54 31.07
C GLY A 12 -13.85 -25.13 30.05
N LEU A 13 -12.67 -25.60 30.49
CA LEU A 13 -11.78 -26.31 29.59
C LEU A 13 -12.20 -27.76 29.39
N TRP A 14 -12.88 -28.33 30.39
CA TRP A 14 -13.43 -29.68 30.24
C TRP A 14 -14.61 -29.66 29.28
N TYR A 15 -15.64 -28.87 29.59
CA TYR A 15 -16.76 -28.71 28.68
C TYR A 15 -16.34 -28.09 27.36
N ALA A 16 -15.23 -27.37 27.33
CA ALA A 16 -14.69 -26.88 26.06
C ALA A 16 -13.98 -27.98 25.28
N LYS A 17 -13.44 -28.98 25.97
CA LYS A 17 -12.85 -30.12 25.28
C LYS A 17 -13.95 -31.00 24.69
N LYS A 18 -14.99 -31.30 25.47
CA LYS A 18 -16.10 -32.07 24.93
C LYS A 18 -16.83 -31.30 23.83
N GLN A 19 -17.06 -30.00 24.05
CA GLN A 19 -17.73 -29.19 23.03
C GLN A 19 -16.89 -29.09 21.77
N GLY A 20 -15.57 -28.95 21.90
CA GLY A 20 -14.72 -28.98 20.74
C GLY A 20 -14.76 -30.32 20.03
N GLN A 21 -14.87 -31.41 20.79
CA GLN A 21 -14.97 -32.73 20.20
C GLN A 21 -16.24 -32.87 19.36
N LYS A 22 -17.39 -32.49 19.93
CA LYS A 22 -18.64 -32.62 19.19
C LYS A 22 -18.71 -31.64 18.02
N ASN A 23 -18.13 -30.46 18.16
CA ASN A 23 -18.11 -29.50 17.07
C ASN A 23 -17.27 -30.01 15.90
N LYS A 24 -16.04 -30.46 16.19
CA LYS A 24 -15.17 -30.93 15.13
C LYS A 24 -15.67 -32.23 14.51
N GLU A 25 -16.31 -33.09 15.30
CA GLU A 25 -16.92 -34.28 14.71
C GLU A 25 -18.16 -33.95 13.91
N ALA A 26 -18.82 -32.83 14.21
CA ALA A 26 -19.92 -32.39 13.34
C ALA A 26 -19.38 -31.85 12.02
N GLU A 27 -18.35 -31.01 12.08
CA GLU A 27 -17.74 -30.50 10.85
C GLU A 27 -17.17 -31.63 10.01
N ARG A 28 -16.61 -32.66 10.65
CA ARG A 28 -16.15 -33.83 9.91
C ARG A 28 -17.33 -34.66 9.41
N GLN A 29 -18.46 -34.61 10.12
CA GLN A 29 -19.64 -35.33 9.66
C GLN A 29 -20.20 -34.72 8.38
N GLU A 30 -20.14 -33.38 8.27
CA GLU A 30 -20.54 -32.72 7.04
C GLU A 30 -19.61 -33.12 5.90
N ARG A 31 -18.37 -32.66 5.96
CA ARG A 31 -17.31 -33.05 5.01
C ARG A 31 -17.70 -32.74 3.56
N ALA A 32 -18.26 -31.54 3.35
CA ALA A 32 -18.69 -31.05 2.03
C ALA A 32 -19.58 -32.13 1.41
N VAL A 33 -19.37 -32.52 0.15
CA VAL A 33 -20.13 -33.60 -0.46
C VAL A 33 -19.39 -34.14 -1.67
N VAL A 34 -18.85 -33.24 -2.50
CA VAL A 34 -18.14 -33.51 -3.76
C VAL A 34 -18.68 -34.76 -4.46
N HIS A 35 -19.72 -34.60 -5.27
CA HIS A 35 -20.29 -35.71 -6.02
C HIS A 35 -19.35 -36.15 -7.14
N MET A 36 -19.29 -35.36 -8.21
CA MET A 36 -18.45 -35.66 -9.37
C MET A 36 -18.84 -36.99 -10.01
N ASP A 37 -20.14 -37.26 -10.07
CA ASP A 37 -20.64 -38.51 -10.66
C ASP A 37 -20.92 -38.33 -12.15
N GLU A 38 -21.98 -38.98 -12.63
CA GLU A 38 -22.46 -38.88 -14.00
C GLU A 38 -21.49 -39.44 -15.02
N ARG A 39 -21.97 -39.59 -16.26
CA ARG A 39 -21.21 -40.19 -17.35
C ARG A 39 -19.91 -39.47 -17.63
N ARG A 40 -19.69 -38.29 -17.04
CA ARG A 40 -18.38 -37.67 -17.08
C ARG A 40 -17.29 -38.65 -16.66
N GLU A 41 -17.51 -39.33 -15.52
CA GLU A 41 -16.58 -40.37 -15.09
C GLU A 41 -16.30 -41.37 -16.20
N GLU A 42 -17.32 -41.72 -16.98
CA GLU A 42 -17.14 -42.65 -18.09
C GLU A 42 -16.20 -42.05 -19.14
N GLN A 43 -16.43 -40.79 -19.51
CA GLN A 43 -15.64 -40.19 -20.60
C GLN A 43 -14.22 -39.88 -20.12
N ILE A 44 -14.10 -39.16 -19.00
CA ILE A 44 -12.81 -38.65 -18.54
C ILE A 44 -11.79 -39.77 -18.44
N VAL A 45 -12.22 -40.95 -17.96
CA VAL A 45 -11.29 -42.07 -17.80
C VAL A 45 -10.75 -42.51 -19.16
N GLN A 46 -11.63 -42.65 -20.15
CA GLN A 46 -11.24 -43.16 -21.46
C GLN A 46 -10.04 -42.43 -22.04
N LEU A 47 -10.25 -41.16 -22.41
CA LEU A 47 -9.15 -40.34 -22.92
C LEU A 47 -7.98 -40.32 -21.94
N LEU A 48 -8.25 -40.44 -20.64
CA LEU A 48 -7.20 -40.45 -19.64
C LEU A 48 -6.11 -41.47 -19.98
N HIS A 49 -6.50 -42.62 -20.51
CA HIS A 49 -5.50 -43.60 -20.92
C HIS A 49 -4.87 -43.22 -22.26
N SER A 50 -5.69 -42.80 -23.23
CA SER A 50 -5.25 -42.61 -24.60
C SER A 50 -4.04 -41.68 -24.69
N VAL A 51 -4.25 -40.40 -24.43
CA VAL A 51 -3.17 -39.42 -24.47
C VAL A 51 -2.08 -39.71 -23.45
N GLN A 52 -2.30 -40.66 -22.54
CA GLN A 52 -1.26 -41.03 -21.60
C GLN A 52 -0.29 -42.06 -22.19
N THR A 53 -0.78 -42.91 -23.11
CA THR A 53 0.06 -43.92 -23.73
C THR A 53 0.75 -43.43 -24.99
N LYS A 54 0.18 -42.44 -25.67
CA LYS A 54 0.78 -41.91 -26.89
C LYS A 54 1.76 -40.78 -26.59
N THR A 75 8.95 -8.30 -20.20
CA THR A 75 9.46 -7.56 -21.35
C THR A 75 8.67 -6.27 -21.56
N GLU A 76 7.94 -6.19 -22.68
CA GLU A 76 7.10 -5.05 -23.04
C GLU A 76 7.90 -3.75 -23.15
N ALA A 77 9.21 -3.85 -23.35
CA ALA A 77 10.09 -2.70 -23.49
C ALA A 77 9.95 -1.73 -22.33
N TYR A 78 10.39 -2.20 -21.16
CA TYR A 78 10.41 -1.42 -19.93
C TYR A 78 9.00 -0.98 -19.52
N ILE A 79 8.08 -1.94 -19.51
CA ILE A 79 6.74 -1.76 -18.97
C ILE A 79 5.99 -0.65 -19.71
N ASP A 80 5.50 -0.96 -20.92
CA ASP A 80 4.68 -0.04 -21.70
C ASP A 80 5.36 1.31 -21.88
N ARG A 81 6.67 1.27 -22.13
CA ARG A 81 7.48 2.47 -22.35
C ARG A 81 7.42 3.44 -21.16
N ASP A 82 7.31 2.90 -19.94
CA ASP A 82 7.42 3.74 -18.76
C ASP A 82 8.82 4.30 -18.58
N SER A 83 9.80 3.79 -19.32
CA SER A 83 11.18 4.28 -19.31
C SER A 83 11.52 4.96 -20.62
N GLU A 84 10.55 5.67 -21.21
CA GLU A 84 10.81 6.35 -22.48
C GLU A 84 11.90 7.41 -22.35
N TYR A 85 11.98 8.06 -21.19
CA TYR A 85 13.07 9.00 -20.95
C TYR A 85 14.39 8.25 -20.78
N LEU A 86 14.35 7.04 -20.23
CA LEU A 86 15.57 6.26 -20.05
C LEU A 86 16.18 5.83 -21.37
N LEU A 87 15.34 5.63 -22.40
CA LEU A 87 15.83 5.20 -23.71
C LEU A 87 16.61 6.31 -24.40
N GLN A 88 17.71 6.74 -23.78
CA GLN A 88 18.56 7.79 -24.33
C GLN A 88 20.01 7.46 -24.02
N GLU A 89 20.92 8.18 -24.67
CA GLU A 89 22.35 7.97 -24.52
C GLU A 89 23.10 9.29 -24.45
N ASN A 90 22.49 10.28 -23.78
CA ASN A 90 23.10 11.60 -23.59
C ASN A 90 23.44 12.26 -24.92
N GLU A 91 24.67 12.03 -25.39
CA GLU A 91 25.19 12.62 -26.63
C GLU A 91 25.14 14.14 -26.57
N PRO A 92 26.02 14.79 -25.81
CA PRO A 92 26.00 16.25 -25.74
C PRO A 92 26.62 16.87 -26.99
N ASP A 93 26.21 18.12 -27.26
CA ASP A 93 26.74 18.90 -28.36
C ASP A 93 26.82 20.35 -27.95
N ALA A 94 27.80 21.07 -28.53
CA ALA A 94 28.01 22.46 -28.16
C ALA A 94 26.88 23.36 -28.65
N THR A 95 26.27 23.02 -29.80
CA THR A 95 25.18 23.83 -30.32
C THR A 95 24.00 23.85 -29.35
N LEU A 96 23.67 22.70 -28.77
CA LEU A 96 22.59 22.65 -27.79
C LEU A 96 22.95 23.43 -26.53
N ASP A 97 24.23 23.41 -26.13
CA ASP A 97 24.68 24.22 -25.01
C ASP A 97 24.47 25.70 -25.28
N GLN A 98 24.81 26.14 -26.49
CA GLN A 98 24.60 27.55 -26.84
C GLN A 98 23.12 27.88 -26.90
N GLN A 99 22.29 26.94 -27.36
CA GLN A 99 20.85 27.16 -27.37
C GLN A 99 20.30 27.30 -25.96
N LEU A 100 20.84 26.53 -25.01
CA LEU A 100 20.38 26.63 -23.63
C LEU A 100 20.88 27.91 -22.98
N LEU A 101 22.10 28.35 -23.31
CA LEU A 101 22.62 29.58 -22.74
C LEU A 101 21.86 30.81 -23.26
N GLU A 102 21.79 30.94 -24.59
CA GLU A 102 21.04 32.06 -25.17
C GLU A 102 19.57 32.00 -24.79
N ASP A 103 19.01 30.79 -24.72
CA ASP A 103 17.63 30.64 -24.28
C ASP A 103 17.45 31.08 -22.84
N LEU A 104 18.45 30.86 -21.99
CA LEU A 104 18.39 31.38 -20.62
C LEU A 104 18.48 32.89 -20.62
N GLN A 105 19.31 33.46 -21.51
CA GLN A 105 19.38 34.91 -21.61
C GLN A 105 18.06 35.51 -22.08
N LYS A 106 17.32 34.79 -22.92
CA LYS A 106 16.02 35.27 -23.37
C LYS A 106 14.97 35.14 -22.26
N LYS A 107 14.93 33.98 -21.59
CA LYS A 107 14.01 33.78 -20.50
C LYS A 107 14.31 34.68 -19.31
N LYS A 108 15.51 35.26 -19.25
CA LYS A 108 15.82 36.22 -18.19
C LYS A 108 14.93 37.44 -18.29
N THR A 109 14.60 37.87 -19.51
CA THR A 109 13.74 39.03 -19.73
C THR A 109 12.29 38.55 -19.84
N ASP A 110 11.66 38.40 -18.67
CA ASP A 110 10.29 37.97 -18.60
C ASP A 110 9.73 38.31 -17.22
N LEU A 111 8.51 38.86 -17.20
CA LEU A 111 7.91 39.29 -15.94
C LEU A 111 7.68 38.12 -15.00
N ARG A 112 7.03 37.06 -15.50
CA ARG A 112 6.76 35.89 -14.68
C ARG A 112 8.07 35.26 -14.19
N TYR A 113 9.08 35.23 -15.06
CA TYR A 113 10.38 34.69 -14.66
C TYR A 113 11.02 35.56 -13.58
N ILE A 114 10.86 36.88 -13.68
CA ILE A 114 11.46 37.78 -12.70
C ILE A 114 10.78 37.63 -11.34
N GLU A 115 9.44 37.59 -11.33
CA GLU A 115 8.73 37.42 -10.08
C GLU A 115 9.04 36.07 -9.44
N MET A 116 9.06 35.00 -10.26
CA MET A 116 9.42 33.69 -9.75
C MET A 116 10.83 33.67 -9.19
N GLN A 117 11.74 34.42 -9.83
CA GLN A 117 13.11 34.50 -9.31
C GLN A 117 13.18 35.30 -8.02
N ARG A 118 12.29 36.27 -7.84
CA ARG A 118 12.24 37.01 -6.58
C ARG A 118 11.73 36.10 -5.46
N PHE A 119 10.66 35.36 -5.72
CA PHE A 119 10.19 34.37 -4.74
C PHE A 119 11.28 33.37 -4.41
N ARG A 120 12.02 32.93 -5.44
CA ARG A 120 13.13 32.02 -5.20
C ARG A 120 14.23 32.68 -4.39
N GLU A 121 14.37 34.01 -4.50
CA GLU A 121 15.33 34.72 -3.66
C GLU A 121 14.85 34.83 -2.23
N LYS A 122 13.53 34.79 -2.01
CA LYS A 122 12.99 34.85 -0.65
C LYS A 122 13.12 33.54 0.12
N LEU A 123 13.84 32.56 -0.41
CA LEU A 123 14.01 31.26 0.25
C LEU A 123 15.40 31.14 0.85
N PRO A 124 15.55 30.38 1.94
CA PRO A 124 16.89 30.23 2.54
C PRO A 124 17.88 29.50 1.65
N SER A 125 17.41 28.60 0.78
CA SER A 125 18.32 27.86 -0.08
C SER A 125 18.99 28.74 -1.13
N TYR A 126 18.45 29.92 -1.40
CA TYR A 126 19.07 30.81 -2.38
C TYR A 126 20.42 31.31 -1.88
N GLY A 127 20.52 31.61 -0.59
CA GLY A 127 21.81 31.97 -0.01
C GLY A 127 22.80 30.83 0.05
N MET A 128 22.31 29.59 0.02
CA MET A 128 23.15 28.40 0.03
C MET A 128 23.39 27.85 -1.37
N GLN A 129 23.23 28.68 -2.40
CA GLN A 129 23.35 28.22 -3.77
C GLN A 129 24.79 27.88 -4.12
N LYS A 130 25.73 28.75 -3.74
CA LYS A 130 27.13 28.53 -4.09
C LYS A 130 27.69 27.30 -3.41
N GLU A 131 27.41 27.13 -2.11
CA GLU A 131 27.94 25.98 -1.39
C GLU A 131 27.36 24.67 -1.92
N LEU A 132 26.06 24.66 -2.22
CA LEU A 132 25.43 23.44 -2.74
C LEU A 132 25.96 23.10 -4.13
N VAL A 133 26.04 24.11 -5.01
CA VAL A 133 26.49 23.87 -6.38
C VAL A 133 27.94 23.40 -6.39
N ASN A 134 28.82 24.13 -5.72
CA ASN A 134 30.23 23.77 -5.71
C ASN A 134 30.45 22.43 -5.03
N MET A 135 29.82 22.22 -3.88
CA MET A 135 30.02 20.97 -3.13
C MET A 135 29.48 19.77 -3.91
N ILE A 136 28.38 19.95 -4.63
CA ILE A 136 27.85 18.87 -5.45
C ILE A 136 28.76 18.61 -6.65
N ASP A 137 29.31 19.67 -7.25
CA ASP A 137 30.14 19.49 -8.43
C ASP A 137 31.49 18.88 -8.08
N ASN A 138 31.97 19.08 -6.86
CA ASN A 138 33.28 18.59 -6.45
C ASN A 138 33.23 17.30 -5.66
N HIS A 139 32.06 16.67 -5.56
CA HIS A 139 31.92 15.43 -4.80
C HIS A 139 30.91 14.52 -5.49
N GLN A 140 31.06 13.22 -5.25
CA GLN A 140 30.15 12.23 -5.83
C GLN A 140 28.93 11.99 -4.95
N VAL A 141 29.10 12.02 -3.63
CA VAL A 141 28.02 11.81 -2.68
C VAL A 141 27.85 13.08 -1.86
N THR A 142 26.60 13.45 -1.59
CA THR A 142 26.31 14.68 -0.86
C THR A 142 25.02 14.49 -0.07
N VAL A 143 25.04 14.87 1.21
CA VAL A 143 23.87 14.83 2.08
C VAL A 143 23.44 16.27 2.38
N ILE A 144 22.16 16.56 2.19
CA ILE A 144 21.61 17.89 2.41
C ILE A 144 20.50 17.75 3.45
N SER A 145 20.80 18.11 4.70
CA SER A 145 19.80 18.11 5.76
C SER A 145 18.85 19.28 5.50
N GLY A 146 17.60 18.95 5.18
CA GLY A 146 16.72 19.94 4.58
C GLY A 146 16.15 20.92 5.59
N GLU A 147 15.75 20.43 6.77
CA GLU A 147 15.03 21.23 7.77
C GLU A 147 13.74 21.80 7.17
N THR A 148 12.95 20.92 6.58
CA THR A 148 11.66 21.31 6.01
C THR A 148 10.75 21.86 7.12
N GLY A 149 10.00 22.93 6.84
CA GLY A 149 9.92 23.55 5.52
C GLY A 149 11.09 24.39 5.07
N CYS A 150 11.61 24.06 3.89
CA CYS A 150 12.71 24.79 3.28
C CYS A 150 12.53 24.72 1.76
N GLY A 151 13.56 25.16 1.03
CA GLY A 151 13.48 25.17 -0.41
C GLY A 151 14.47 24.23 -1.09
N LYS A 152 14.78 23.12 -0.43
CA LYS A 152 15.70 22.15 -1.02
C LYS A 152 15.10 21.53 -2.27
N THR A 153 13.90 20.95 -2.14
CA THR A 153 13.34 20.12 -3.20
C THR A 153 13.05 20.93 -4.46
N THR A 154 12.57 22.16 -4.30
CA THR A 154 12.15 22.96 -5.44
C THR A 154 13.25 23.87 -5.97
N GLN A 155 14.47 23.78 -5.44
CA GLN A 155 15.55 24.68 -5.88
C GLN A 155 16.89 24.00 -6.14
N VAL A 156 17.17 22.83 -5.56
CA VAL A 156 18.50 22.24 -5.75
C VAL A 156 18.73 21.84 -7.20
N THR A 157 17.71 21.25 -7.83
CA THR A 157 17.84 20.83 -9.22
C THR A 157 17.90 22.02 -10.16
N GLN A 158 17.19 23.11 -9.83
CA GLN A 158 17.28 24.32 -10.63
C GLN A 158 18.67 24.95 -10.49
N PHE A 159 19.27 24.86 -9.30
CA PHE A 159 20.63 25.35 -9.12
C PHE A 159 21.62 24.52 -9.94
N ILE A 160 21.46 23.20 -9.93
CA ILE A 160 22.38 22.34 -10.69
C ILE A 160 22.23 22.59 -12.19
N LEU A 161 21.00 22.51 -12.70
CA LEU A 161 20.78 22.68 -14.13
C LEU A 161 21.18 24.07 -14.59
N ASP A 162 20.81 25.11 -13.84
CA ASP A 162 21.21 26.47 -14.20
C ASP A 162 22.72 26.62 -14.16
N ASN A 163 23.39 25.94 -13.22
CA ASN A 163 24.85 26.00 -13.16
C ASN A 163 25.47 25.37 -14.40
N TYR A 164 24.95 24.21 -14.82
CA TYR A 164 25.50 23.56 -16.01
C TYR A 164 25.20 24.34 -17.28
N ILE A 165 24.05 25.01 -17.35
CA ILE A 165 23.72 25.79 -18.53
C ILE A 165 24.58 27.06 -18.59
N GLU A 166 24.84 27.67 -17.44
CA GLU A 166 25.63 28.90 -17.38
C GLU A 166 27.13 28.66 -17.51
N ARG A 167 27.56 27.42 -17.79
CA ARG A 167 28.98 27.12 -17.93
C ARG A 167 29.28 26.38 -19.22
N GLY A 168 28.39 26.45 -20.21
CA GLY A 168 28.62 25.82 -21.49
C GLY A 168 28.58 24.31 -21.49
N LYS A 169 28.20 23.69 -20.38
CA LYS A 169 28.10 22.24 -20.28
C LYS A 169 26.70 21.79 -19.88
N GLY A 170 25.69 22.57 -20.29
CA GLY A 170 24.31 22.23 -19.95
C GLY A 170 23.72 21.07 -20.72
N SER A 171 24.31 20.74 -21.87
CA SER A 171 23.78 19.64 -22.67
C SER A 171 24.01 18.29 -21.98
N ALA A 172 25.17 18.11 -21.36
CA ALA A 172 25.48 16.86 -20.69
C ALA A 172 24.71 16.68 -19.38
N CYS A 173 24.06 17.72 -18.88
CA CYS A 173 23.34 17.65 -17.62
C CYS A 173 22.03 16.90 -17.80
N ARG A 174 21.84 15.84 -17.02
CA ARG A 174 20.60 15.06 -17.00
C ARG A 174 20.33 14.65 -15.57
N ILE A 175 19.27 15.21 -14.97
CA ILE A 175 18.97 15.04 -13.56
C ILE A 175 17.70 14.21 -13.41
N VAL A 176 17.69 13.33 -12.41
CA VAL A 176 16.52 12.54 -12.04
C VAL A 176 16.42 12.52 -10.53
N CYS A 177 15.25 12.89 -10.00
CA CYS A 177 15.00 12.92 -8.57
C CYS A 177 13.86 11.97 -8.24
N THR A 178 13.97 11.31 -7.07
CA THR A 178 13.00 10.34 -6.62
C THR A 178 12.16 10.93 -5.49
N GLN A 179 10.84 10.83 -5.62
CA GLN A 179 9.90 11.27 -4.61
C GLN A 179 9.13 10.08 -4.04
N PRO A 180 8.93 10.04 -2.72
CA PRO A 180 8.28 8.85 -2.13
C PRO A 180 6.81 8.72 -2.50
N ARG A 181 6.11 9.85 -2.69
CA ARG A 181 4.70 9.83 -3.04
C ARG A 181 4.51 10.30 -4.48
N ARG A 182 3.47 9.77 -5.13
CA ARG A 182 3.15 10.17 -6.49
C ARG A 182 2.72 11.63 -6.53
N ILE A 183 1.79 12.02 -5.64
CA ILE A 183 1.30 13.38 -5.61
C ILE A 183 2.41 14.37 -5.28
N SER A 184 3.38 13.95 -4.46
CA SER A 184 4.53 14.81 -4.19
C SER A 184 5.39 14.97 -5.43
N ALA A 185 5.56 13.89 -6.20
CA ALA A 185 6.36 13.96 -7.41
C ALA A 185 5.73 14.89 -8.45
N ILE A 186 4.46 14.66 -8.78
CA ILE A 186 3.80 15.48 -9.78
C ILE A 186 3.66 16.92 -9.28
N SER A 187 3.41 17.09 -7.98
CA SER A 187 3.23 18.43 -7.43
C SER A 187 4.54 19.23 -7.49
N VAL A 188 5.64 18.63 -7.01
CA VAL A 188 6.93 19.31 -7.07
C VAL A 188 7.32 19.57 -8.51
N ALA A 189 6.97 18.65 -9.41
CA ALA A 189 7.23 18.87 -10.83
C ALA A 189 6.48 20.10 -11.34
N GLU A 190 5.21 20.25 -10.95
CA GLU A 190 4.43 21.40 -11.38
C GLU A 190 5.00 22.70 -10.81
N ARG A 191 5.39 22.69 -9.54
CA ARG A 191 5.92 23.91 -8.92
C ARG A 191 7.26 24.32 -9.53
N VAL A 192 8.15 23.35 -9.73
CA VAL A 192 9.45 23.65 -10.32
C VAL A 192 9.28 24.11 -11.76
N ALA A 193 8.38 23.47 -12.52
CA ALA A 193 8.13 23.90 -13.88
C ALA A 193 7.56 25.32 -13.91
N ALA A 194 6.71 25.66 -12.94
CA ALA A 194 6.11 26.99 -12.92
C ALA A 194 7.13 28.05 -12.52
N GLU A 195 8.04 27.72 -11.60
CA GLU A 195 9.05 28.68 -11.15
C GLU A 195 10.07 29.00 -12.22
N ARG A 196 10.12 28.23 -13.31
CA ARG A 196 11.02 28.50 -14.43
C ARG A 196 10.31 29.17 -15.59
N ALA A 197 9.08 29.64 -15.40
CA ALA A 197 8.27 30.28 -16.44
C ALA A 197 8.11 29.37 -17.65
N GLU A 198 7.80 28.11 -17.40
CA GLU A 198 7.60 27.13 -18.45
C GLU A 198 6.43 26.21 -18.07
N SER A 199 5.87 25.57 -19.09
CA SER A 199 4.85 24.55 -18.88
C SER A 199 5.51 23.19 -18.66
N CYS A 200 4.84 22.34 -17.89
CA CYS A 200 5.39 21.04 -17.57
C CYS A 200 5.36 20.13 -18.79
N GLY A 201 6.51 19.52 -19.10
CA GLY A 201 6.59 18.63 -20.24
C GLY A 201 6.52 19.39 -21.56
N ASN A 202 6.16 18.64 -22.61
CA ASN A 202 6.01 19.18 -23.96
C ASN A 202 7.30 19.83 -24.44
N GLY A 203 8.43 19.16 -24.20
CA GLY A 203 9.71 19.66 -24.65
C GLY A 203 10.25 20.81 -23.83
N ASN A 204 9.88 20.90 -22.56
CA ASN A 204 10.37 21.94 -21.66
C ASN A 204 11.38 21.35 -20.68
N SER A 205 11.84 22.19 -19.75
CA SER A 205 12.97 21.81 -18.89
C SER A 205 12.58 20.72 -17.90
N THR A 206 11.46 20.92 -17.20
CA THR A 206 11.07 20.05 -16.09
C THR A 206 9.86 19.21 -16.46
N GLY A 207 9.87 17.95 -16.03
CA GLY A 207 8.76 17.05 -16.24
C GLY A 207 8.75 15.97 -15.18
N TYR A 208 7.74 15.10 -15.24
CA TYR A 208 7.63 14.00 -14.30
C TYR A 208 7.22 12.74 -15.04
N GLN A 209 7.44 11.59 -14.40
CA GLN A 209 7.16 10.29 -14.99
C GLN A 209 6.74 9.34 -13.88
N ILE A 210 5.50 8.86 -13.93
CA ILE A 210 4.98 7.89 -12.97
C ILE A 210 4.17 6.85 -13.72
N ARG A 211 3.76 5.81 -12.99
CA ARG A 211 3.06 4.66 -13.57
C ARG A 211 1.91 5.10 -14.46
N LEU A 212 2.05 4.84 -15.77
CA LEU A 212 0.99 5.05 -16.74
C LEU A 212 0.55 6.52 -16.82
N GLN A 213 1.45 7.44 -16.49
CA GLN A 213 1.20 8.87 -16.66
C GLN A 213 2.53 9.60 -16.66
N SER A 214 2.80 10.34 -17.73
CA SER A 214 4.11 10.96 -17.89
C SER A 214 4.01 12.26 -18.66
N ARG A 215 4.64 13.31 -18.13
CA ARG A 215 4.89 14.56 -18.86
C ARG A 215 6.41 14.67 -18.94
N LEU A 216 6.99 14.10 -19.99
CA LEU A 216 8.44 14.00 -20.12
C LEU A 216 9.02 15.33 -20.56
N PRO A 217 10.13 15.74 -19.95
CA PRO A 217 10.77 17.01 -20.36
C PRO A 217 11.63 16.87 -21.60
N ARG A 218 12.67 17.69 -21.72
CA ARG A 218 13.53 17.65 -22.88
C ARG A 218 14.40 16.40 -22.87
N LYS A 219 15.06 16.14 -24.00
CA LYS A 219 15.97 15.00 -24.09
C LYS A 219 17.29 15.28 -23.40
N GLN A 220 17.72 16.54 -23.34
CA GLN A 220 18.96 16.94 -22.70
C GLN A 220 18.72 18.18 -21.85
N GLY A 221 19.54 18.34 -20.82
CA GLY A 221 19.41 19.48 -19.93
C GLY A 221 18.06 19.57 -19.26
N SER A 222 17.51 18.42 -18.84
CA SER A 222 16.16 18.35 -18.32
C SER A 222 16.15 17.86 -16.88
N ILE A 223 15.14 18.28 -16.13
CA ILE A 223 14.93 17.84 -14.75
C ILE A 223 13.68 16.98 -14.74
N LEU A 224 13.83 15.72 -14.33
CA LEU A 224 12.73 14.75 -14.34
C LEU A 224 12.49 14.25 -12.91
N TYR A 225 11.26 14.39 -12.45
CA TYR A 225 10.84 13.86 -11.17
C TYR A 225 10.06 12.56 -11.37
N CYS A 226 10.20 11.65 -10.41
CA CYS A 226 9.55 10.35 -10.50
C CYS A 226 9.54 9.71 -9.12
N THR A 227 8.84 8.59 -9.03
CA THR A 227 8.87 7.77 -7.83
C THR A 227 10.01 6.76 -7.92
N THR A 228 10.28 6.10 -6.79
CA THR A 228 11.40 5.16 -6.75
C THR A 228 11.11 3.92 -7.57
N GLY A 229 9.85 3.46 -7.59
CA GLY A 229 9.49 2.31 -8.40
C GLY A 229 9.77 2.51 -9.88
N ILE A 230 9.79 3.76 -10.33
CA ILE A 230 10.16 4.04 -11.72
C ILE A 230 11.63 3.73 -11.94
N ILE A 231 12.49 4.13 -11.00
CA ILE A 231 13.91 3.83 -11.14
C ILE A 231 14.17 2.34 -11.03
N LEU A 232 13.52 1.68 -10.08
CA LEU A 232 13.63 0.22 -9.99
C LEU A 232 13.10 -0.45 -11.24
N GLN A 233 12.16 0.20 -11.95
CA GLN A 233 11.75 -0.30 -13.26
C GLN A 233 12.81 -0.02 -14.32
N TRP A 234 13.62 1.03 -14.13
CA TRP A 234 14.68 1.33 -15.08
C TRP A 234 15.83 0.34 -14.96
N LEU A 235 16.12 -0.11 -13.74
CA LEU A 235 17.28 -0.98 -13.53
C LEU A 235 17.17 -2.30 -14.27
N GLN A 236 15.96 -2.68 -14.69
CA GLN A 236 15.79 -3.88 -15.50
C GLN A 236 16.25 -3.69 -16.95
N SER A 237 16.58 -2.45 -17.34
CA SER A 237 17.07 -2.18 -18.68
C SER A 237 18.41 -1.47 -18.71
N ASP A 238 18.86 -0.88 -17.60
CA ASP A 238 20.14 -0.18 -17.54
C ASP A 238 20.66 -0.26 -16.12
N PRO A 239 21.41 -1.31 -15.80
CA PRO A 239 21.91 -1.48 -14.42
C PRO A 239 22.93 -0.43 -14.01
N HIS A 240 23.51 0.30 -14.95
CA HIS A 240 24.47 1.36 -14.65
C HIS A 240 23.86 2.75 -14.75
N LEU A 241 22.61 2.87 -15.19
CA LEU A 241 21.89 4.13 -15.31
C LEU A 241 22.67 5.12 -16.19
N SER A 242 22.74 4.77 -17.47
CA SER A 242 23.35 5.64 -18.45
C SER A 242 22.42 6.82 -18.77
N SER A 243 23.00 7.85 -19.38
CA SER A 243 22.30 9.08 -19.73
C SER A 243 21.67 9.75 -18.52
N VAL A 244 22.15 9.46 -17.32
CA VAL A 244 21.67 10.04 -16.07
C VAL A 244 22.87 10.63 -15.38
N SER A 245 23.02 11.97 -15.45
CA SER A 245 24.20 12.61 -14.88
C SER A 245 24.08 12.75 -13.37
N HIS A 246 22.95 13.24 -12.87
CA HIS A 246 22.74 13.47 -11.45
C HIS A 246 21.49 12.73 -10.99
N ILE A 247 21.60 12.02 -9.87
CA ILE A 247 20.49 11.30 -9.27
C ILE A 247 20.31 11.81 -7.84
N VAL A 248 19.07 12.11 -7.48
CA VAL A 248 18.74 12.73 -6.19
C VAL A 248 17.72 11.85 -5.48
N LEU A 249 17.99 11.54 -4.21
CA LEU A 249 17.07 10.82 -3.35
C LEU A 249 16.57 11.80 -2.30
N ASP A 250 15.29 12.16 -2.40
CA ASP A 250 14.66 13.15 -1.54
C ASP A 250 13.79 12.47 -0.49
N GLU A 251 13.65 13.14 0.65
CA GLU A 251 12.80 12.66 1.74
C GLU A 251 13.24 11.28 2.22
N ILE A 252 14.55 11.05 2.24
CA ILE A 252 15.08 9.77 2.69
C ILE A 252 14.90 9.55 4.18
N HIS A 253 14.55 10.58 4.94
CA HIS A 253 14.25 10.40 6.35
C HIS A 253 13.09 9.43 6.54
N GLU A 254 12.09 9.50 5.66
CA GLU A 254 11.05 8.49 5.60
C GLU A 254 11.65 7.22 5.01
N ARG A 255 11.74 6.16 5.82
CA ARG A 255 12.43 4.95 5.42
C ARG A 255 11.52 4.06 4.56
N ASN A 256 11.13 4.60 3.42
CA ASN A 256 10.41 3.79 2.43
C ASN A 256 11.30 2.67 1.94
N LEU A 257 10.69 1.49 1.74
CA LEU A 257 11.45 0.31 1.35
C LEU A 257 12.20 0.54 0.05
N GLN A 258 11.48 1.03 -0.97
CA GLN A 258 12.10 1.27 -2.27
C GLN A 258 13.20 2.33 -2.17
N SER A 259 13.05 3.30 -1.28
CA SER A 259 14.07 4.34 -1.13
C SER A 259 15.37 3.76 -0.56
N ASP A 260 15.26 2.86 0.42
CA ASP A 260 16.45 2.23 0.97
C ASP A 260 17.09 1.27 -0.03
N VAL A 261 16.27 0.46 -0.70
CA VAL A 261 16.80 -0.49 -1.69
C VAL A 261 17.54 0.26 -2.78
N LEU A 262 16.89 1.27 -3.38
CA LEU A 262 17.55 2.08 -4.39
C LEU A 262 18.78 2.77 -3.82
N MET A 263 18.72 3.17 -2.55
CA MET A 263 19.84 3.88 -1.93
C MET A 263 21.09 3.00 -1.89
N THR A 264 20.95 1.77 -1.39
CA THR A 264 22.12 0.89 -1.33
C THR A 264 22.51 0.38 -2.71
N VAL A 265 21.56 0.26 -3.63
CA VAL A 265 21.89 -0.09 -5.00
C VAL A 265 22.80 0.96 -5.62
N VAL A 266 22.44 2.24 -5.44
CA VAL A 266 23.29 3.32 -5.92
C VAL A 266 24.62 3.34 -5.18
N LYS A 267 24.60 2.98 -3.89
CA LYS A 267 25.85 2.85 -3.15
C LYS A 267 26.77 1.83 -3.81
N ASP A 268 26.21 0.70 -4.28
CA ASP A 268 27.01 -0.27 -5.01
C ASP A 268 27.41 0.26 -6.39
N LEU A 269 26.60 1.14 -6.96
CA LEU A 269 26.85 1.66 -8.30
C LEU A 269 27.91 2.76 -8.33
N LEU A 270 28.36 3.23 -7.17
CA LEU A 270 29.31 4.34 -7.14
C LEU A 270 30.63 3.98 -7.80
N SER A 271 31.07 2.73 -7.66
CA SER A 271 32.35 2.33 -8.23
C SER A 271 32.26 2.17 -9.74
N TYR A 272 31.17 1.60 -10.23
CA TYR A 272 31.03 1.35 -11.67
C TYR A 272 30.74 2.62 -12.47
N ARG A 273 30.39 3.72 -11.80
CA ARG A 273 30.05 4.97 -12.49
C ARG A 273 30.77 6.12 -11.78
N PRO A 274 31.95 6.52 -12.28
CA PRO A 274 32.66 7.66 -11.67
C PRO A 274 32.06 8.99 -12.05
N ASP A 275 31.43 9.05 -13.22
CA ASP A 275 30.84 10.29 -13.74
C ASP A 275 29.44 10.55 -13.21
N LEU A 276 29.00 9.81 -12.19
CA LEU A 276 27.68 9.97 -11.63
C LEU A 276 27.74 10.80 -10.34
N LYS A 277 26.78 11.71 -10.19
CA LYS A 277 26.67 12.55 -9.00
C LYS A 277 25.38 12.16 -8.27
N VAL A 278 25.52 11.74 -7.01
CA VAL A 278 24.40 11.30 -6.20
C VAL A 278 24.21 12.28 -5.06
N VAL A 279 22.97 12.70 -4.82
CA VAL A 279 22.65 13.66 -3.77
C VAL A 279 21.51 13.10 -2.92
N LEU A 280 21.77 12.88 -1.64
CA LEU A 280 20.76 12.44 -0.69
C LEU A 280 20.31 13.62 0.15
N MET A 281 19.03 13.61 0.53
CA MET A 281 18.47 14.72 1.30
C MET A 281 17.61 14.18 2.44
N SER A 282 18.09 14.36 3.67
CA SER A 282 17.32 14.01 4.87
C SER A 282 16.68 15.26 5.47
N ALA A 283 16.64 15.35 6.81
CA ALA A 283 15.98 16.48 7.44
C ALA A 283 16.44 16.74 8.87
N THR A 284 17.75 16.95 9.06
CA THR A 284 18.30 17.53 10.30
C THR A 284 17.93 16.73 11.55
N LEU A 285 17.99 15.41 11.46
CA LEU A 285 17.82 14.57 12.64
C LEU A 285 18.80 13.40 12.61
N ASN A 286 18.57 12.45 11.71
CA ASN A 286 19.46 11.32 11.51
C ASN A 286 20.19 11.43 10.17
N ALA A 287 20.37 12.65 9.66
CA ALA A 287 21.14 12.83 8.44
C ALA A 287 22.60 12.45 8.63
N GLU A 288 23.11 12.56 9.86
CA GLU A 288 24.47 12.12 10.15
C GLU A 288 24.64 10.63 9.90
N LYS A 289 23.55 9.85 10.06
CA LYS A 289 23.61 8.43 9.79
C LYS A 289 23.78 8.17 8.30
N PHE A 290 22.98 8.83 7.47
CA PHE A 290 23.13 8.71 6.02
C PHE A 290 24.51 9.19 5.58
N SER A 291 25.02 10.25 6.21
CA SER A 291 26.37 10.72 5.89
C SER A 291 27.42 9.68 6.25
N GLU A 292 27.26 9.03 7.40
CA GLU A 292 28.21 7.99 7.80
C GLU A 292 28.09 6.73 6.96
N TYR A 293 26.94 6.51 6.31
CA TYR A 293 26.79 5.32 5.48
C TYR A 293 27.70 5.37 4.25
N PHE A 294 27.65 6.47 3.51
CA PHE A 294 28.40 6.57 2.25
C PHE A 294 29.86 6.97 2.48
N GLY A 295 30.56 6.22 3.33
CA GLY A 295 31.98 6.47 3.55
C GLY A 295 32.28 7.83 4.15
N ASN A 296 31.44 8.27 5.09
CA ASN A 296 31.61 9.57 5.75
C ASN A 296 31.63 10.70 4.72
N CYS A 297 30.62 10.74 3.86
CA CYS A 297 30.51 11.79 2.86
C CYS A 297 30.15 13.11 3.54
N PRO A 298 30.58 14.24 2.98
CA PRO A 298 30.28 15.53 3.59
C PRO A 298 28.80 15.87 3.49
N MET A 299 28.35 16.71 4.42
CA MET A 299 26.98 17.15 4.48
C MET A 299 26.91 18.68 4.46
N ILE A 300 25.72 19.20 4.17
CA ILE A 300 25.47 20.64 4.14
C ILE A 300 24.10 20.88 4.78
N HIS A 301 24.05 21.79 5.75
CA HIS A 301 22.85 22.07 6.52
C HIS A 301 22.24 23.40 6.07
N ILE A 302 20.97 23.36 5.68
CA ILE A 302 20.21 24.56 5.33
C ILE A 302 19.27 24.87 6.49
N PRO A 303 19.26 26.10 7.01
CA PRO A 303 18.42 26.39 8.18
C PRO A 303 16.93 26.30 7.89
N GLY A 304 16.50 26.66 6.69
CA GLY A 304 15.08 26.65 6.37
C GLY A 304 14.35 27.84 6.98
N PHE A 305 13.07 27.93 6.64
CA PHE A 305 12.21 29.03 7.10
C PHE A 305 10.90 28.47 7.62
N THR A 306 10.53 28.88 8.82
CA THR A 306 9.25 28.52 9.41
C THR A 306 8.83 29.61 10.38
N PHE A 307 7.52 29.81 10.50
CA PHE A 307 6.99 30.77 11.46
C PHE A 307 7.26 30.27 12.89
N PRO A 308 7.17 31.18 13.89
CA PRO A 308 7.59 30.80 15.25
C PRO A 308 6.94 29.53 15.78
N VAL A 309 5.61 29.52 15.91
CA VAL A 309 4.83 28.37 16.39
C VAL A 309 5.12 28.13 17.87
N VAL A 310 4.10 27.69 18.61
CA VAL A 310 4.26 27.36 20.02
C VAL A 310 3.89 25.90 20.21
N GLU A 311 4.47 25.28 21.25
CA GLU A 311 4.24 23.88 21.57
C GLU A 311 3.59 23.77 22.93
N TYR A 312 2.29 23.47 22.96
CA TYR A 312 1.57 23.20 24.18
C TYR A 312 1.43 21.69 24.36
N LEU A 313 1.59 21.23 25.60
CA LEU A 313 1.48 19.83 25.94
C LEU A 313 0.23 19.60 26.78
N LEU A 314 -0.01 18.32 27.11
CA LEU A 314 -1.25 17.94 27.80
C LEU A 314 -1.44 18.73 29.10
N GLU A 315 -0.38 18.85 29.89
CA GLU A 315 -0.47 19.61 31.15
C GLU A 315 -0.82 21.06 30.89
N ASP A 316 -0.24 21.65 29.83
CA ASP A 316 -0.56 23.04 29.49
C ASP A 316 -1.97 23.17 28.96
N ILE A 317 -2.51 22.11 28.35
CA ILE A 317 -3.88 22.15 27.85
C ILE A 317 -4.87 22.10 29.00
N ILE A 318 -4.73 21.09 29.87
CA ILE A 318 -5.63 20.97 31.02
C ILE A 318 -5.49 22.16 31.95
N GLU A 319 -4.27 22.70 32.08
CA GLU A 319 -4.08 23.92 32.87
C GLU A 319 -4.70 25.12 32.17
N LYS A 320 -4.72 25.13 30.84
CA LYS A 320 -5.19 26.30 30.10
C LYS A 320 -6.71 26.37 30.08
N ILE A 321 -7.36 25.39 29.43
CA ILE A 321 -8.81 25.43 29.27
C ILE A 321 -9.55 24.92 30.49
N ARG A 322 -8.85 24.44 31.52
CA ARG A 322 -9.44 23.90 32.73
C ARG A 322 -10.44 22.79 32.40
N TYR A 323 -9.87 21.66 31.98
CA TYR A 323 -10.67 20.53 31.50
C TYR A 323 -11.14 19.67 32.67
N VAL A 324 -12.41 19.27 32.62
CA VAL A 324 -12.99 18.37 33.61
C VAL A 324 -13.53 17.16 32.88
N PRO A 325 -12.93 15.98 33.04
CA PRO A 325 -13.41 14.79 32.33
C PRO A 325 -14.76 14.33 32.85
N GLU A 326 -15.38 13.44 32.09
CA GLU A 326 -16.68 12.88 32.43
C GLU A 326 -16.58 11.75 33.45
N GLN A 327 -15.51 11.70 34.23
CA GLN A 327 -15.29 10.66 35.25
C GLN A 327 -15.33 9.26 34.62
N LYS A 328 -14.47 9.07 33.62
CA LYS A 328 -14.38 7.79 32.93
C LYS A 328 -13.76 6.72 33.81
N GLY A 341 7.85 -11.67 17.01
CA GLY A 341 8.77 -10.75 17.66
C GLY A 341 8.96 -9.46 16.90
N HIS A 342 8.61 -8.35 17.53
CA HIS A 342 8.72 -7.02 16.95
C HIS A 342 9.74 -6.20 17.73
N VAL A 343 10.62 -5.50 17.01
CA VAL A 343 11.65 -4.72 17.68
C VAL A 343 11.05 -3.54 18.42
N ASN A 344 10.06 -2.89 17.83
CA ASN A 344 9.40 -1.77 18.50
C ASN A 344 8.57 -2.25 19.69
N ARG A 345 7.86 -3.37 19.53
CA ARG A 345 7.04 -3.89 20.62
C ARG A 345 7.90 -4.34 21.78
N GLN A 346 9.05 -4.97 21.49
CA GLN A 346 9.97 -5.36 22.56
C GLN A 346 10.58 -4.14 23.24
N GLU A 347 10.67 -3.02 22.53
CA GLU A 347 11.20 -1.79 23.13
C GLU A 347 10.11 -1.03 23.87
N LYS A 348 8.89 -1.00 23.32
CA LYS A 348 7.80 -0.25 23.96
C LYS A 348 7.39 -0.88 25.28
N TYR A 349 7.58 -2.20 25.43
CA TYR A 349 7.27 -2.87 26.69
C TYR A 349 8.15 -2.32 27.80
N TYR A 350 9.45 -2.56 27.71
CA TYR A 350 10.39 -2.08 28.71
C TYR A 350 10.28 -0.58 28.92
N TYR A 351 10.03 0.17 27.84
CA TYR A 351 9.80 1.60 27.96
C TYR A 351 8.68 1.89 28.96
N GLU A 352 7.51 1.27 28.77
CA GLU A 352 6.44 1.40 29.74
C GLU A 352 6.96 1.18 31.16
N ALA A 353 7.75 0.12 31.33
CA ALA A 353 8.37 -0.17 32.63
C ALA A 353 9.07 1.06 33.18
N ILE A 354 10.06 1.58 32.45
CA ILE A 354 10.79 2.73 32.97
C ILE A 354 9.85 3.93 33.05
N TYR A 355 8.84 3.99 32.17
CA TYR A 355 7.82 5.02 32.29
C TYR A 355 7.20 5.00 33.68
N LYS A 356 6.83 3.81 34.15
CA LYS A 356 6.30 3.69 35.50
C LYS A 356 7.31 4.20 36.53
N GLU A 357 8.59 3.86 36.35
CA GLU A 357 9.61 4.34 37.27
C GLU A 357 9.73 5.86 37.20
N ARG A 358 9.42 6.44 36.05
CA ARG A 358 9.44 7.89 35.89
C ARG A 358 8.09 8.53 36.22
N TRP A 359 7.07 7.73 36.54
CA TRP A 359 5.73 8.30 36.67
C TRP A 359 5.54 9.10 37.96
N PRO A 360 5.83 8.56 39.18
CA PRO A 360 5.51 9.31 40.40
C PRO A 360 6.30 10.60 40.55
N GLY A 361 7.63 10.50 40.45
CA GLY A 361 8.47 11.67 40.60
C GLY A 361 8.05 12.81 39.69
N TYR A 362 7.85 12.50 38.40
CA TYR A 362 7.33 13.50 37.47
C TYR A 362 6.06 14.16 38.01
N LEU A 363 5.09 13.35 38.44
CA LEU A 363 3.88 13.89 39.05
C LEU A 363 4.22 14.85 40.18
N ARG A 364 5.16 14.45 41.05
CA ARG A 364 5.59 15.33 42.13
C ARG A 364 6.06 16.67 41.57
N GLU A 365 6.95 16.63 40.57
CA GLU A 365 7.42 17.87 39.96
C GLU A 365 6.27 18.67 39.38
N LEU A 366 5.24 18.00 38.87
CA LEU A 366 4.08 18.70 38.34
C LEU A 366 3.43 19.56 39.41
N ARG A 367 3.35 19.05 40.64
CA ARG A 367 2.74 19.82 41.72
C ARG A 367 3.57 21.05 42.10
N GLN A 368 4.82 21.14 41.65
CA GLN A 368 5.62 22.33 41.84
C GLN A 368 5.44 23.34 40.71
N ARG A 369 4.85 22.93 39.58
CA ARG A 369 4.69 23.79 38.43
C ARG A 369 3.26 24.23 38.19
N TYR A 370 2.29 23.33 38.28
CA TYR A 370 0.90 23.62 37.96
C TYR A 370 0.01 23.37 39.16
N SER A 371 -1.26 23.74 39.02
CA SER A 371 -2.22 23.55 40.09
C SER A 371 -2.51 22.07 40.30
N ALA A 372 -3.05 21.75 41.48
CA ALA A 372 -3.28 20.37 41.85
C ALA A 372 -4.42 19.73 41.07
N SER A 373 -5.41 20.53 40.67
CA SER A 373 -6.57 19.98 39.96
C SER A 373 -6.14 19.38 38.62
N THR A 374 -5.40 20.14 37.81
CA THR A 374 -5.00 19.66 36.50
C THR A 374 -4.06 18.47 36.60
N VAL A 375 -3.23 18.41 37.65
CA VAL A 375 -2.35 17.27 37.84
C VAL A 375 -3.16 16.03 38.22
N ASP A 376 -4.16 16.19 39.08
CA ASP A 376 -5.04 15.08 39.40
C ASP A 376 -5.78 14.60 38.15
N VAL A 377 -6.13 15.52 37.25
CA VAL A 377 -6.70 15.13 35.97
C VAL A 377 -5.66 14.38 35.14
N VAL A 378 -4.38 14.76 35.24
CA VAL A 378 -3.33 14.10 34.48
C VAL A 378 -3.19 12.64 34.93
N GLU A 379 -3.12 12.41 36.24
CA GLU A 379 -3.07 11.03 36.72
C GLU A 379 -4.40 10.31 36.51
N MET A 380 -5.49 11.06 36.32
CA MET A 380 -6.77 10.47 35.98
C MET A 380 -6.93 10.23 34.48
N MET A 381 -6.04 10.80 33.66
CA MET A 381 -6.11 10.59 32.22
C MET A 381 -5.90 9.13 31.88
N ASP A 382 -6.54 8.70 30.79
CA ASP A 382 -6.52 7.31 30.36
C ASP A 382 -5.64 7.16 29.12
N ASP A 383 -4.93 6.04 29.04
CA ASP A 383 -4.13 5.71 27.88
C ASP A 383 -4.94 4.80 26.95
N GLU A 384 -4.30 4.31 25.89
CA GLU A 384 -4.91 3.50 24.84
C GLU A 384 -6.10 4.18 24.19
N LYS A 385 -6.27 5.49 24.39
CA LYS A 385 -7.43 6.22 23.90
C LYS A 385 -7.23 7.72 24.09
N VAL A 386 -7.26 8.47 22.99
CA VAL A 386 -7.16 9.92 23.07
C VAL A 386 -8.51 10.47 23.53
N ASP A 387 -8.49 11.26 24.60
CA ASP A 387 -9.72 11.85 25.15
C ASP A 387 -10.28 12.85 24.15
N LEU A 388 -11.28 12.42 23.39
CA LEU A 388 -11.88 13.27 22.37
C LEU A 388 -12.63 14.46 22.97
N ASN A 389 -13.09 14.34 24.22
CA ASN A 389 -13.75 15.47 24.87
C ASN A 389 -12.78 16.63 25.05
N LEU A 390 -11.53 16.34 25.39
CA LEU A 390 -10.52 17.39 25.51
C LEU A 390 -10.28 18.06 24.17
N ILE A 391 -10.26 17.29 23.08
CA ILE A 391 -10.10 17.86 21.75
C ILE A 391 -11.29 18.75 21.39
N ALA A 392 -12.50 18.33 21.78
CA ALA A 392 -13.68 19.13 21.50
C ALA A 392 -13.66 20.45 22.25
N ALA A 393 -13.39 20.40 23.56
CA ALA A 393 -13.30 21.63 24.34
C ALA A 393 -12.18 22.53 23.83
N LEU A 394 -11.08 21.93 23.39
CA LEU A 394 -9.98 22.70 22.82
C LEU A 394 -10.43 23.43 21.56
N ILE A 395 -11.11 22.71 20.66
CA ILE A 395 -11.62 23.33 19.44
C ILE A 395 -12.57 24.47 19.79
N ARG A 396 -13.43 24.26 20.79
CA ARG A 396 -14.37 25.31 21.19
C ARG A 396 -13.63 26.56 21.67
N TYR A 397 -12.65 26.37 22.56
CA TYR A 397 -11.89 27.52 23.06
C TYR A 397 -11.16 28.24 21.94
N ILE A 398 -10.60 27.48 20.99
CA ILE A 398 -9.84 28.09 19.91
C ILE A 398 -10.76 28.90 18.99
N VAL A 399 -11.90 28.31 18.61
CA VAL A 399 -12.80 29.02 17.71
C VAL A 399 -13.53 30.17 18.40
N LEU A 400 -13.59 30.17 19.73
CA LEU A 400 -14.32 31.21 20.45
C LEU A 400 -13.43 32.35 20.94
N GLU A 401 -12.16 32.10 21.23
CA GLU A 401 -11.31 33.12 21.82
C GLU A 401 -10.08 33.48 21.00
N GLU A 402 -9.52 32.56 20.23
CA GLU A 402 -8.33 32.87 19.46
C GLU A 402 -8.70 33.59 18.17
N GLU A 403 -7.67 34.07 17.47
CA GLU A 403 -7.88 34.81 16.24
C GLU A 403 -8.33 33.87 15.12
N ASP A 404 -8.61 34.45 13.95
CA ASP A 404 -9.08 33.67 12.82
C ASP A 404 -8.00 32.72 12.32
N GLY A 405 -8.44 31.61 11.74
CA GLY A 405 -7.54 30.61 11.20
C GLY A 405 -8.18 29.24 11.23
N ALA A 406 -7.70 28.38 10.34
CA ALA A 406 -8.21 27.02 10.26
C ALA A 406 -7.52 26.12 11.28
N ILE A 407 -8.20 25.04 11.64
CA ILE A 407 -7.71 24.09 12.63
C ILE A 407 -7.50 22.74 11.97
N LEU A 408 -6.41 22.07 12.31
CA LEU A 408 -6.09 20.75 11.78
C LEU A 408 -5.93 19.79 12.95
N VAL A 409 -6.70 18.71 12.93
CA VAL A 409 -6.70 17.71 13.99
C VAL A 409 -6.20 16.39 13.43
N PHE A 410 -5.28 15.75 14.13
CA PHE A 410 -4.75 14.45 13.75
C PHE A 410 -5.30 13.39 14.69
N LEU A 411 -5.89 12.34 14.12
CA LEU A 411 -6.46 11.24 14.89
C LEU A 411 -5.92 9.92 14.38
N PRO A 412 -5.90 8.88 15.22
CA PRO A 412 -5.34 7.59 14.75
C PRO A 412 -6.05 7.01 13.56
N GLY A 413 -7.38 6.89 13.60
CA GLY A 413 -8.09 6.25 12.52
C GLY A 413 -9.51 6.72 12.26
N TRP A 414 -10.30 5.87 11.62
CA TRP A 414 -11.65 6.24 11.21
C TRP A 414 -12.58 6.38 12.41
N ASP A 415 -12.43 5.51 13.41
CA ASP A 415 -13.36 5.48 14.53
C ASP A 415 -13.33 6.80 15.31
N ASN A 416 -12.13 7.29 15.64
CA ASN A 416 -12.04 8.54 16.39
C ASN A 416 -12.50 9.72 15.56
N ILE A 417 -12.34 9.66 14.24
CA ILE A 417 -12.81 10.75 13.39
C ILE A 417 -14.33 10.78 13.36
N SER A 418 -14.97 9.61 13.26
CA SER A 418 -16.43 9.56 13.27
C SER A 418 -16.99 9.99 14.62
N THR A 419 -16.39 9.49 15.71
CA THR A 419 -16.86 9.85 17.04
C THR A 419 -16.67 11.34 17.31
N LEU A 420 -15.52 11.89 16.91
CA LEU A 420 -15.28 13.31 17.12
C LEU A 420 -16.20 14.16 16.24
N HIS A 421 -16.50 13.71 15.03
CA HIS A 421 -17.41 14.44 14.16
C HIS A 421 -18.81 14.46 14.74
N ASP A 422 -19.31 13.30 15.19
CA ASP A 422 -20.60 13.27 15.87
C ASP A 422 -20.58 14.08 17.15
N LEU A 423 -19.41 14.21 17.78
CA LEU A 423 -19.31 15.00 19.00
C LEU A 423 -19.36 16.49 18.71
N LEU A 424 -18.81 16.93 17.57
CA LEU A 424 -18.81 18.35 17.24
C LEU A 424 -20.13 18.79 16.63
N MET A 425 -20.73 17.96 15.79
CA MET A 425 -21.99 18.33 15.15
C MET A 425 -23.18 18.27 16.10
N SER A 426 -23.00 17.72 17.31
CA SER A 426 -24.09 17.62 18.27
C SER A 426 -24.34 18.94 19.01
N GLN A 427 -23.58 19.98 18.73
CA GLN A 427 -23.76 21.29 19.35
C GLN A 427 -24.36 22.26 18.35
N VAL A 428 -25.25 23.13 18.84
CA VAL A 428 -25.95 24.07 17.97
C VAL A 428 -25.01 25.14 17.42
N MET A 429 -23.89 25.40 18.08
CA MET A 429 -22.98 26.44 17.61
C MET A 429 -22.29 26.05 16.31
N PHE A 430 -21.99 24.77 16.12
CA PHE A 430 -21.37 24.29 14.90
C PHE A 430 -22.38 23.96 13.80
N LYS A 431 -23.67 23.92 14.12
CA LYS A 431 -24.68 23.59 13.13
C LYS A 431 -24.91 24.72 12.13
N SER A 432 -24.49 25.94 12.45
CA SER A 432 -24.67 27.06 11.56
C SER A 432 -23.74 26.95 10.35
N ASP A 433 -24.05 27.72 9.32
CA ASP A 433 -23.24 27.78 8.11
C ASP A 433 -22.01 28.68 8.27
N LYS A 434 -21.59 28.95 9.51
CA LYS A 434 -20.40 29.74 9.78
C LYS A 434 -19.19 28.88 10.09
N PHE A 435 -19.31 27.56 10.02
CA PHE A 435 -18.21 26.64 10.30
C PHE A 435 -18.22 25.53 9.26
N ILE A 436 -17.02 25.08 8.89
CA ILE A 436 -16.85 24.01 7.91
C ILE A 436 -16.01 22.91 8.55
N ILE A 437 -16.58 21.70 8.62
CA ILE A 437 -15.90 20.55 9.19
C ILE A 437 -15.62 19.57 8.06
N ILE A 438 -14.36 19.19 7.90
CA ILE A 438 -13.94 18.33 6.80
C ILE A 438 -13.21 17.11 7.35
N PRO A 439 -13.78 15.91 7.22
CA PRO A 439 -13.04 14.69 7.57
C PRO A 439 -12.18 14.23 6.41
N LEU A 440 -10.96 13.80 6.73
CA LEU A 440 -10.00 13.35 5.73
C LEU A 440 -9.54 11.94 6.06
N HIS A 441 -9.56 11.08 5.05
CA HIS A 441 -9.24 9.66 5.20
C HIS A 441 -9.14 9.06 3.80
N SER A 442 -8.29 8.05 3.65
CA SER A 442 -8.15 7.39 2.36
C SER A 442 -9.48 6.83 1.87
N LEU A 443 -10.30 6.31 2.79
CA LEU A 443 -11.64 5.87 2.43
C LEU A 443 -12.61 7.02 2.24
N MET A 444 -12.34 8.17 2.85
CA MET A 444 -13.18 9.34 2.65
C MET A 444 -12.99 9.85 1.22
N PRO A 445 -14.07 10.17 0.50
CA PRO A 445 -13.91 10.63 -0.88
C PRO A 445 -13.25 12.01 -0.95
N THR A 446 -11.95 12.04 -0.68
CA THR A 446 -11.21 13.30 -0.73
C THR A 446 -11.08 13.85 -2.15
N VAL A 447 -11.52 13.09 -3.16
CA VAL A 447 -11.53 13.59 -4.53
C VAL A 447 -12.43 14.82 -4.62
N ASN A 448 -13.60 14.76 -3.98
CA ASN A 448 -14.48 15.93 -3.91
C ASN A 448 -14.08 16.89 -2.79
N GLN A 449 -13.18 16.49 -1.89
CA GLN A 449 -12.76 17.38 -0.83
C GLN A 449 -11.61 18.30 -1.25
N THR A 450 -10.87 17.93 -2.30
CA THR A 450 -9.82 18.82 -2.79
C THR A 450 -10.40 20.06 -3.45
N GLN A 451 -11.50 19.90 -4.19
CA GLN A 451 -12.18 21.00 -4.84
C GLN A 451 -13.33 21.48 -3.94
N VAL A 452 -13.23 22.72 -3.47
CA VAL A 452 -14.21 23.29 -2.55
C VAL A 452 -14.12 24.81 -2.65
N PHE A 453 -14.22 25.51 -1.52
CA PHE A 453 -14.13 26.97 -1.41
C PHE A 453 -15.34 27.68 -2.02
N LYS A 454 -16.42 26.97 -2.29
CA LYS A 454 -17.65 27.57 -2.81
C LYS A 454 -18.79 27.54 -1.79
N ARG A 455 -18.48 27.26 -0.53
CA ARG A 455 -19.49 27.09 0.51
C ARG A 455 -19.69 28.34 1.36
N THR A 456 -18.60 28.95 1.83
CA THR A 456 -18.72 30.04 2.79
C THR A 456 -17.60 31.05 2.57
N PRO A 457 -17.80 32.31 2.92
CA PRO A 457 -16.74 33.31 2.83
C PRO A 457 -15.77 33.18 4.00
N PRO A 458 -14.72 34.03 4.05
CA PRO A 458 -13.83 34.00 5.23
C PRO A 458 -14.54 34.31 6.54
N GLY A 459 -13.81 34.24 7.64
CA GLY A 459 -14.42 34.27 8.96
C GLY A 459 -15.02 32.95 9.39
N VAL A 460 -14.88 31.91 8.58
CA VAL A 460 -15.44 30.59 8.85
C VAL A 460 -14.31 29.67 9.28
N ARG A 461 -14.51 28.98 10.40
CA ARG A 461 -13.50 28.04 10.89
C ARG A 461 -13.46 26.80 10.01
N LYS A 462 -12.31 26.54 9.40
CA LYS A 462 -12.09 25.33 8.62
C LYS A 462 -11.44 24.31 9.54
N ILE A 463 -12.28 23.51 10.20
CA ILE A 463 -11.83 22.45 11.08
C ILE A 463 -11.70 21.17 10.27
N VAL A 464 -10.48 20.68 10.11
CA VAL A 464 -10.19 19.50 9.31
C VAL A 464 -9.77 18.39 10.26
N ILE A 465 -10.66 17.42 10.44
CA ILE A 465 -10.38 16.25 11.27
C ILE A 465 -9.84 15.16 10.34
N ALA A 466 -8.57 14.82 10.51
CA ALA A 466 -7.89 13.91 9.58
C ALA A 466 -7.07 12.90 10.37
N THR A 467 -6.67 11.83 9.67
CA THR A 467 -5.65 10.93 10.17
C THR A 467 -4.28 11.53 9.87
N ASN A 468 -3.27 10.68 9.69
CA ASN A 468 -1.96 11.17 9.31
C ASN A 468 -1.86 11.52 7.83
N ILE A 469 -2.93 11.33 7.06
CA ILE A 469 -2.90 11.68 5.64
C ILE A 469 -2.59 13.17 5.46
N ALA A 470 -3.23 14.02 6.26
CA ALA A 470 -2.96 15.45 6.20
C ALA A 470 -1.50 15.78 6.49
N GLU A 471 -0.78 14.88 7.18
CA GLU A 471 0.62 15.13 7.46
C GLU A 471 1.55 14.61 6.36
N THR A 472 1.06 13.77 5.46
CA THR A 472 1.94 13.10 4.51
C THR A 472 1.82 13.62 3.08
N SER A 473 0.69 14.17 2.68
CA SER A 473 0.54 14.59 1.29
C SER A 473 -0.44 15.74 1.12
N ILE A 474 -1.73 15.50 1.37
CA ILE A 474 -2.76 16.50 1.13
C ILE A 474 -2.50 17.71 2.03
N THR A 475 -2.56 18.90 1.44
CA THR A 475 -2.25 20.14 2.17
C THR A 475 -3.27 21.19 1.80
N ILE A 476 -4.20 21.49 2.71
CA ILE A 476 -5.03 22.67 2.56
C ILE A 476 -4.22 23.92 2.87
N ASP A 477 -3.14 23.77 3.65
CA ASP A 477 -2.09 24.76 3.82
C ASP A 477 -2.57 26.08 4.44
N ASP A 478 -3.83 26.15 4.82
CA ASP A 478 -4.38 27.33 5.49
C ASP A 478 -4.45 27.12 7.00
N VAL A 479 -3.50 26.38 7.55
CA VAL A 479 -3.54 25.94 8.93
C VAL A 479 -2.87 26.96 9.83
N VAL A 480 -3.48 27.21 10.98
CA VAL A 480 -2.92 28.10 12.00
C VAL A 480 -2.84 27.35 13.34
N TYR A 481 -3.75 26.39 13.55
CA TYR A 481 -3.80 25.62 14.78
C TYR A 481 -3.74 24.13 14.45
N VAL A 482 -2.84 23.41 15.09
CA VAL A 482 -2.65 21.98 14.89
C VAL A 482 -2.92 21.26 16.20
N ILE A 483 -3.87 20.35 16.19
CA ILE A 483 -4.21 19.55 17.37
C ILE A 483 -3.71 18.14 17.08
N ASP A 484 -2.48 17.85 17.51
CA ASP A 484 -1.87 16.56 17.28
C ASP A 484 -2.44 15.54 18.25
N GLY A 485 -3.07 14.49 17.72
CA GLY A 485 -3.50 13.40 18.56
C GLY A 485 -2.32 12.63 19.14
N GLY A 486 -2.59 11.95 20.25
CA GLY A 486 -1.52 11.29 20.98
C GLY A 486 -0.89 10.15 20.19
N LYS A 487 -1.71 9.39 19.46
CA LYS A 487 -1.26 8.15 18.84
C LYS A 487 -1.62 8.14 17.36
N ILE A 488 -1.17 7.08 16.68
CA ILE A 488 -1.40 6.91 15.25
C ILE A 488 -1.25 5.42 14.92
N LYS A 489 -2.19 4.89 14.15
CA LYS A 489 -2.14 3.48 13.78
C LYS A 489 -0.97 3.20 12.85
N GLU A 490 -0.15 2.22 13.22
CA GLU A 490 1.04 1.85 12.45
C GLU A 490 1.04 0.35 12.23
N THR A 491 1.72 -0.07 11.16
CA THR A 491 1.74 -1.46 10.73
C THR A 491 3.02 -2.13 11.21
N HIS A 492 2.88 -3.32 11.80
CA HIS A 492 4.02 -4.11 12.25
C HIS A 492 3.79 -5.56 11.85
N PHE A 493 4.68 -6.08 11.00
CA PHE A 493 4.57 -7.45 10.51
C PHE A 493 5.25 -8.41 11.47
N ASP A 494 4.52 -9.45 11.88
CA ASP A 494 5.10 -10.51 12.69
C ASP A 494 5.89 -11.46 11.78
N THR A 495 7.03 -11.92 12.28
CA THR A 495 7.92 -12.79 11.52
C THR A 495 7.78 -14.26 11.86
N GLN A 496 7.13 -14.60 12.98
CA GLN A 496 6.96 -15.98 13.39
C GLN A 496 5.59 -16.54 13.05
N ASN A 497 4.51 -15.87 13.44
CA ASN A 497 3.17 -16.33 13.16
C ASN A 497 2.69 -15.98 11.76
N ASN A 498 3.49 -15.21 11.00
CA ASN A 498 3.16 -14.84 9.62
C ASN A 498 1.83 -14.08 9.56
N ILE A 499 1.78 -12.98 10.31
CA ILE A 499 0.57 -12.16 10.40
C ILE A 499 0.99 -10.69 10.35
N SER A 500 0.42 -9.94 9.41
CA SER A 500 0.64 -8.50 9.34
C SER A 500 -0.29 -7.80 10.32
N THR A 501 0.29 -7.11 11.30
CA THR A 501 -0.46 -6.49 12.38
C THR A 501 -0.49 -4.99 12.22
N MET A 502 -1.33 -4.35 13.03
CA MET A 502 -1.48 -2.89 13.00
C MET A 502 -2.07 -2.45 14.34
N SER A 503 -1.48 -1.42 14.94
CA SER A 503 -1.95 -0.93 16.22
C SER A 503 -1.54 0.52 16.38
N ALA A 504 -2.31 1.26 17.18
CA ALA A 504 -2.06 2.67 17.42
C ALA A 504 -0.91 2.80 18.42
N GLU A 505 0.25 3.24 17.94
CA GLU A 505 1.42 3.46 18.76
C GLU A 505 1.59 4.95 19.06
N TRP A 506 2.45 5.25 20.02
CA TRP A 506 2.77 6.64 20.32
C TRP A 506 3.40 7.30 19.10
N VAL A 507 3.03 8.57 18.87
CA VAL A 507 3.49 9.29 17.70
C VAL A 507 5.01 9.43 17.75
N SER A 508 5.65 9.14 16.62
CA SER A 508 7.10 9.31 16.53
C SER A 508 7.47 10.79 16.66
N LYS A 509 8.66 11.03 17.20
CA LYS A 509 9.10 12.41 17.42
C LYS A 509 9.25 13.16 16.10
N ALA A 510 9.64 12.45 15.03
CA ALA A 510 9.71 13.08 13.71
C ALA A 510 8.31 13.39 13.19
N ASN A 511 7.36 12.48 13.39
CA ASN A 511 5.97 12.76 13.00
C ASN A 511 5.42 13.96 13.76
N ALA A 512 5.71 14.04 15.07
CA ALA A 512 5.28 15.19 15.86
C ALA A 512 5.95 16.47 15.38
N LYS A 513 7.21 16.38 14.95
CA LYS A 513 7.88 17.55 14.39
C LYS A 513 7.24 17.98 13.07
N GLN A 514 6.76 17.03 12.28
CA GLN A 514 6.04 17.37 11.06
C GLN A 514 4.70 18.04 11.38
N ARG A 515 3.96 17.48 12.34
CA ARG A 515 2.68 18.05 12.72
C ARG A 515 2.85 19.43 13.33
N LYS A 516 3.97 19.68 14.03
CA LYS A 516 4.27 21.04 14.45
C LYS A 516 4.58 21.92 13.25
N GLY A 517 5.36 21.41 12.29
CA GLY A 517 5.64 22.14 11.07
C GLY A 517 4.42 22.37 10.20
N ARG A 518 3.28 21.77 10.54
CA ARG A 518 2.04 21.98 9.79
C ARG A 518 1.45 23.37 10.00
N ALA A 519 2.03 24.20 10.87
CA ALA A 519 1.53 25.57 11.04
C ALA A 519 1.71 26.39 9.77
N GLY A 520 2.64 26.02 8.90
CA GLY A 520 2.75 26.63 7.59
C GLY A 520 3.26 28.06 7.63
N ARG A 521 3.42 28.61 6.41
CA ARG A 521 3.87 29.99 6.23
C ARG A 521 2.71 30.98 6.17
N VAL A 522 1.59 30.66 6.79
CA VAL A 522 0.45 31.59 6.81
C VAL A 522 0.64 32.64 7.89
N GLN A 523 0.83 32.21 9.13
CA GLN A 523 0.95 33.09 10.28
C GLN A 523 1.48 32.27 11.45
N PRO A 524 1.98 32.95 12.51
CA PRO A 524 2.39 32.22 13.72
C PRO A 524 1.28 31.32 14.25
N GLY A 525 1.51 30.02 14.26
CA GLY A 525 0.50 29.05 14.65
C GLY A 525 0.72 28.49 16.04
N HIS A 526 -0.12 27.50 16.37
CA HIS A 526 -0.09 26.83 17.66
C HIS A 526 -0.12 25.32 17.45
N CYS A 527 0.51 24.60 18.36
CA CYS A 527 0.52 23.15 18.34
C CYS A 527 0.06 22.62 19.69
N TYR A 528 -0.76 21.58 19.67
CA TYR A 528 -1.36 21.00 20.88
C TYR A 528 -1.10 19.50 20.86
N HIS A 529 -0.12 19.06 21.66
CA HIS A 529 0.22 17.65 21.77
C HIS A 529 -0.50 17.06 22.97
N LEU A 530 -1.29 16.02 22.73
CA LEU A 530 -2.07 15.37 23.79
C LEU A 530 -1.29 14.27 24.48
N TYR A 531 -0.05 14.57 24.85
CA TYR A 531 0.75 13.68 25.68
C TYR A 531 1.50 14.52 26.70
N ASN A 532 1.62 14.00 27.92
CA ASN A 532 2.32 14.71 28.97
C ASN A 532 3.81 14.82 28.65
N SER A 533 4.48 15.75 29.34
CA SER A 533 5.90 15.97 29.12
C SER A 533 6.77 14.80 29.59
N LEU A 534 6.17 13.71 30.07
CA LEU A 534 6.89 12.48 30.38
C LEU A 534 7.05 11.61 29.15
N ARG A 535 5.95 11.32 28.45
CA ARG A 535 6.02 10.55 27.22
C ARG A 535 6.92 11.23 26.19
N ALA A 536 6.93 12.56 26.17
CA ALA A 536 7.80 13.28 25.24
C ALA A 536 9.27 12.96 25.45
N SER A 537 9.65 12.48 26.64
CA SER A 537 11.01 12.07 26.90
C SER A 537 11.28 10.61 26.54
N LEU A 538 10.23 9.82 26.29
CA LEU A 538 10.37 8.40 25.99
C LEU A 538 9.84 8.07 24.60
N LEU A 539 9.90 9.04 23.68
CA LEU A 539 9.49 8.83 22.31
C LEU A 539 10.68 8.42 21.46
N ASP A 540 10.47 7.45 20.57
CA ASP A 540 11.51 7.07 19.62
C ASP A 540 11.79 8.22 18.68
N ASP A 541 13.08 8.40 18.35
CA ASP A 541 13.46 9.51 17.47
C ASP A 541 12.80 9.39 16.10
N TYR A 542 12.66 8.16 15.60
CA TYR A 542 12.05 7.90 14.31
C TYR A 542 11.16 6.67 14.40
N GLN A 543 10.32 6.49 13.39
CA GLN A 543 9.59 5.24 13.25
C GLN A 543 10.47 4.19 12.57
N LEU A 544 10.12 2.94 12.77
CA LEU A 544 10.92 1.86 12.21
C LEU A 544 10.79 1.82 10.69
N PRO A 545 11.84 1.42 9.99
CA PRO A 545 11.77 1.34 8.53
C PRO A 545 10.76 0.29 8.07
N GLU A 546 10.26 0.49 6.86
CA GLU A 546 9.28 -0.41 6.28
C GLU A 546 9.85 -1.80 6.00
N ILE A 547 11.17 -1.95 6.00
CA ILE A 547 11.77 -3.26 5.76
C ILE A 547 11.50 -4.21 6.91
N LEU A 548 11.34 -3.68 8.12
CA LEU A 548 11.13 -4.49 9.31
C LEU A 548 9.65 -4.72 9.63
N ARG A 549 8.74 -4.23 8.78
CA ARG A 549 7.31 -4.32 9.09
C ARG A 549 6.46 -4.71 7.89
N THR A 550 7.07 -5.30 6.86
CA THR A 550 6.36 -5.72 5.66
C THR A 550 6.98 -7.02 5.14
N PRO A 551 6.22 -7.83 4.41
CA PRO A 551 6.80 -9.02 3.79
C PRO A 551 7.84 -8.64 2.75
N LEU A 552 8.65 -9.64 2.36
CA LEU A 552 9.82 -9.39 1.53
C LEU A 552 9.87 -10.26 0.28
N GLU A 553 8.72 -10.76 -0.18
CA GLU A 553 8.72 -11.61 -1.37
C GLU A 553 9.00 -10.79 -2.62
N GLU A 554 8.29 -9.66 -2.79
CA GLU A 554 8.55 -8.78 -3.94
C GLU A 554 10.01 -8.35 -3.98
N LEU A 555 10.57 -7.98 -2.83
CA LEU A 555 11.96 -7.55 -2.79
C LEU A 555 12.90 -8.71 -3.10
N CYS A 556 12.56 -9.92 -2.65
CA CYS A 556 13.39 -11.08 -2.97
C CYS A 556 13.43 -11.34 -4.47
N LEU A 557 12.26 -11.29 -5.13
CA LEU A 557 12.24 -11.50 -6.57
C LEU A 557 12.96 -10.36 -7.30
N GLN A 558 12.81 -9.14 -6.83
CA GLN A 558 13.52 -8.02 -7.46
C GLN A 558 15.03 -8.15 -7.28
N ILE A 559 15.48 -8.75 -6.17
CA ILE A 559 16.91 -8.97 -5.98
C ILE A 559 17.40 -10.08 -6.90
N LYS A 560 16.67 -11.20 -6.95
CA LYS A 560 17.06 -12.31 -7.81
C LYS A 560 16.88 -12.01 -9.29
N ILE A 561 16.22 -10.92 -9.64
CA ILE A 561 16.00 -10.57 -11.04
C ILE A 561 16.90 -9.44 -11.52
N LEU A 562 17.50 -8.66 -10.62
CA LEU A 562 18.39 -7.56 -10.99
C LEU A 562 19.85 -7.97 -10.98
N ARG A 563 20.15 -9.27 -10.99
CA ARG A 563 21.52 -9.79 -11.01
C ARG A 563 22.33 -9.24 -9.83
N LEU A 564 21.75 -9.31 -8.64
CA LEU A 564 22.40 -8.83 -7.42
C LEU A 564 22.99 -9.96 -6.59
N GLY A 565 22.99 -11.19 -7.11
CA GLY A 565 23.59 -12.30 -6.41
C GLY A 565 22.75 -12.83 -5.27
N GLY A 566 23.40 -13.09 -4.12
CA GLY A 566 22.71 -13.61 -2.97
C GLY A 566 21.68 -12.66 -2.40
N ILE A 567 20.49 -13.18 -2.10
CA ILE A 567 19.41 -12.33 -1.60
C ILE A 567 19.71 -11.87 -0.18
N ALA A 568 19.96 -12.81 0.72
CA ALA A 568 20.24 -12.46 2.11
C ALA A 568 21.54 -11.67 2.24
N HIS A 569 22.47 -11.86 1.31
CA HIS A 569 23.72 -11.10 1.34
C HIS A 569 23.49 -9.64 0.99
N PHE A 570 22.73 -9.38 -0.10
CA PHE A 570 22.41 -8.01 -0.45
C PHE A 570 21.54 -7.36 0.62
N LEU A 571 20.65 -8.14 1.24
CA LEU A 571 19.90 -7.63 2.38
C LEU A 571 20.82 -7.31 3.55
N SER A 572 21.93 -8.03 3.67
CA SER A 572 22.92 -7.67 4.67
C SER A 572 23.63 -6.36 4.32
N ARG A 573 23.87 -6.14 3.03
CA ARG A 573 24.43 -4.86 2.59
C ARG A 573 23.45 -3.72 2.80
N LEU A 574 22.15 -4.01 2.77
CA LEU A 574 21.13 -2.98 2.94
C LEU A 574 21.21 -2.39 4.34
N MET A 575 21.02 -1.07 4.43
CA MET A 575 21.10 -0.39 5.72
C MET A 575 20.01 -0.91 6.66
N ASP A 576 20.40 -1.17 7.90
CA ASP A 576 19.54 -1.81 8.89
C ASP A 576 18.99 -3.12 8.32
N PRO A 577 19.78 -4.18 8.29
CA PRO A 577 19.33 -5.42 7.67
C PRO A 577 18.16 -6.00 8.42
N PRO A 578 17.28 -6.73 7.73
CA PRO A 578 16.10 -7.28 8.41
C PRO A 578 16.44 -8.47 9.29
N SER A 579 15.45 -8.98 10.02
CA SER A 579 15.65 -10.18 10.81
C SER A 579 15.91 -11.37 9.90
N ASN A 580 16.81 -12.26 10.34
CA ASN A 580 17.16 -13.42 9.53
C ASN A 580 15.96 -14.33 9.32
N GLU A 581 15.09 -14.45 10.33
CA GLU A 581 13.92 -15.31 10.22
C GLU A 581 12.96 -14.81 9.14
N ALA A 582 12.87 -13.49 8.96
CA ALA A 582 12.01 -12.94 7.91
C ALA A 582 12.53 -13.30 6.53
N VAL A 583 13.84 -13.20 6.32
CA VAL A 583 14.42 -13.56 5.03
C VAL A 583 14.25 -15.06 4.78
N LEU A 584 14.50 -15.89 5.80
CA LEU A 584 14.30 -17.32 5.65
C LEU A 584 12.85 -17.64 5.31
N LEU A 585 11.90 -16.95 5.94
CA LEU A 585 10.49 -17.22 5.69
C LEU A 585 10.09 -16.79 4.29
N SER A 586 10.60 -15.64 3.82
CA SER A 586 10.30 -15.21 2.46
C SER A 586 10.89 -16.18 1.43
N ILE A 587 12.12 -16.64 1.67
CA ILE A 587 12.73 -17.60 0.76
C ILE A 587 11.93 -18.90 0.74
N LYS A 588 11.47 -19.35 1.91
CA LYS A 588 10.63 -20.54 1.95
C LYS A 588 9.33 -20.33 1.18
N HIS A 589 8.72 -19.16 1.32
CA HIS A 589 7.47 -18.88 0.60
C HIS A 589 7.69 -18.86 -0.91
N LEU A 590 8.80 -18.28 -1.37
CA LEU A 590 9.08 -18.31 -2.80
C LEU A 590 9.47 -19.69 -3.28
N MET A 591 9.94 -20.56 -2.38
CA MET A 591 10.19 -21.95 -2.75
C MET A 591 8.90 -22.76 -2.82
N GLU A 592 7.89 -22.39 -2.02
CA GLU A 592 6.62 -23.11 -2.08
C GLU A 592 5.92 -22.89 -3.41
N LEU A 593 6.00 -21.68 -3.96
CA LEU A 593 5.35 -21.34 -5.21
C LEU A 593 6.15 -21.77 -6.44
N ASN A 594 7.19 -22.59 -6.26
CA ASN A 594 8.06 -23.03 -7.34
C ASN A 594 8.69 -21.85 -8.08
N ALA A 595 8.92 -20.75 -7.36
CA ALA A 595 9.49 -19.56 -7.97
C ALA A 595 11.00 -19.49 -7.79
N LEU A 596 11.54 -20.11 -6.75
CA LEU A 596 12.97 -20.16 -6.51
C LEU A 596 13.42 -21.60 -6.34
N ASP A 597 14.65 -21.88 -6.78
CA ASP A 597 15.21 -23.21 -6.60
C ASP A 597 15.43 -23.51 -5.13
N LYS A 598 15.17 -24.76 -4.74
CA LYS A 598 15.44 -25.17 -3.37
C LYS A 598 16.92 -25.16 -3.03
N GLN A 599 17.79 -25.20 -4.04
CA GLN A 599 19.23 -25.17 -3.82
C GLN A 599 19.72 -23.74 -3.55
N GLU A 600 19.58 -22.86 -4.54
CA GLU A 600 20.01 -21.47 -4.41
C GLU A 600 18.95 -20.59 -5.05
N GLU A 601 19.25 -19.29 -5.17
CA GLU A 601 18.32 -18.32 -5.73
C GLU A 601 18.33 -18.45 -7.25
N LEU A 602 17.51 -19.35 -7.76
CA LEU A 602 17.36 -19.55 -9.20
C LEU A 602 15.87 -19.60 -9.52
N THR A 603 15.45 -18.81 -10.51
CA THR A 603 14.03 -18.63 -10.81
C THR A 603 13.66 -19.40 -12.07
N PRO A 604 12.84 -20.46 -11.97
CA PRO A 604 12.32 -21.09 -13.19
C PRO A 604 11.12 -20.34 -13.75
N LEU A 605 10.30 -19.78 -12.86
CA LEU A 605 9.16 -18.97 -13.24
C LEU A 605 9.22 -17.55 -12.68
N GLY A 606 10.11 -17.28 -11.72
CA GLY A 606 10.26 -15.94 -11.17
C GLY A 606 10.63 -14.87 -12.19
N VAL A 607 11.00 -15.27 -13.41
CA VAL A 607 11.22 -14.29 -14.47
C VAL A 607 9.90 -13.62 -14.85
N HIS A 608 8.86 -14.44 -15.08
CA HIS A 608 7.57 -13.89 -15.45
C HIS A 608 6.95 -13.11 -14.30
N LEU A 609 7.11 -13.59 -13.07
CA LEU A 609 6.55 -12.89 -11.91
C LEU A 609 7.27 -11.56 -11.68
N ALA A 610 8.60 -11.58 -11.68
CA ALA A 610 9.36 -10.35 -11.50
C ALA A 610 9.15 -9.38 -12.65
N ARG A 611 8.81 -9.88 -13.84
CA ARG A 611 8.45 -9.01 -14.95
C ARG A 611 7.12 -8.30 -14.72
N LEU A 612 6.39 -8.67 -13.68
CA LEU A 612 5.12 -8.05 -13.34
C LEU A 612 5.28 -7.22 -12.07
N PRO A 613 4.92 -5.93 -12.10
CA PRO A 613 5.13 -5.02 -10.96
C PRO A 613 4.03 -5.12 -9.90
N VAL A 614 3.77 -6.34 -9.43
CA VAL A 614 2.76 -6.61 -8.41
C VAL A 614 3.27 -7.70 -7.49
N GLU A 615 2.43 -8.10 -6.54
CA GLU A 615 2.76 -9.20 -5.65
C GLU A 615 2.88 -10.50 -6.44
N PRO A 616 3.69 -11.45 -5.96
CA PRO A 616 3.88 -12.69 -6.72
C PRO A 616 2.61 -13.49 -6.92
N HIS A 617 1.79 -13.63 -5.87
CA HIS A 617 0.52 -14.35 -6.02
C HIS A 617 -0.40 -13.65 -7.02
N ILE A 618 -0.30 -12.32 -7.11
CA ILE A 618 -1.08 -11.59 -8.10
C ILE A 618 -0.58 -11.93 -9.51
N GLY A 619 0.74 -12.05 -9.68
CA GLY A 619 1.27 -12.46 -10.97
C GLY A 619 0.85 -13.85 -11.36
N LYS A 620 0.87 -14.79 -10.40
CA LYS A 620 0.32 -16.11 -10.65
C LYS A 620 -1.16 -16.04 -11.04
N MET A 621 -1.89 -15.12 -10.41
CA MET A 621 -3.31 -14.95 -10.71
C MET A 621 -3.52 -14.50 -12.15
N ILE A 622 -2.77 -13.48 -12.59
CA ILE A 622 -2.95 -13.00 -13.96
C ILE A 622 -2.36 -13.98 -14.98
N LEU A 623 -1.46 -14.86 -14.55
CA LEU A 623 -0.99 -15.91 -15.45
C LEU A 623 -2.08 -16.95 -15.67
N PHE A 624 -2.65 -17.49 -14.59
CA PHE A 624 -3.73 -18.46 -14.73
C PHE A 624 -4.94 -17.84 -15.43
N GLY A 625 -5.20 -16.56 -15.19
CA GLY A 625 -6.27 -15.88 -15.90
C GLY A 625 -5.94 -15.61 -17.36
N ALA A 626 -4.66 -15.45 -17.67
CA ALA A 626 -4.25 -15.25 -19.06
C ALA A 626 -4.34 -16.53 -19.86
N LEU A 627 -4.07 -17.67 -19.22
CA LEU A 627 -4.16 -18.95 -19.93
C LEU A 627 -5.60 -19.36 -20.18
N PHE A 628 -6.47 -19.20 -19.19
CA PHE A 628 -7.82 -19.72 -19.23
C PHE A 628 -8.80 -18.84 -20.01
N CYS A 629 -8.30 -17.81 -20.69
CA CYS A 629 -9.13 -16.94 -21.54
C CYS A 629 -10.24 -16.26 -20.75
N CYS A 630 -9.90 -15.78 -19.55
CA CYS A 630 -10.78 -14.93 -18.76
C CYS A 630 -9.98 -13.72 -18.30
N LEU A 631 -9.43 -12.99 -19.27
CA LEU A 631 -8.39 -12.01 -18.99
C LEU A 631 -8.94 -10.81 -18.23
N ASP A 632 -9.98 -10.16 -18.76
CA ASP A 632 -10.50 -8.92 -18.17
C ASP A 632 -10.85 -9.04 -16.70
N PRO A 633 -11.67 -10.01 -16.24
CA PRO A 633 -12.01 -10.02 -14.82
C PRO A 633 -10.82 -10.31 -13.92
N VAL A 634 -9.89 -11.15 -14.36
CA VAL A 634 -8.70 -11.42 -13.55
C VAL A 634 -7.80 -10.20 -13.50
N LEU A 635 -7.79 -9.38 -14.55
CA LEU A 635 -7.00 -8.15 -14.52
C LEU A 635 -7.65 -7.11 -13.60
N THR A 636 -8.97 -7.04 -13.60
CA THR A 636 -9.67 -6.15 -12.66
C THR A 636 -9.40 -6.57 -11.22
N ILE A 637 -9.56 -7.86 -10.93
CA ILE A 637 -9.33 -8.38 -9.59
C ILE A 637 -7.88 -8.21 -9.18
N ALA A 638 -6.96 -8.30 -10.14
CA ALA A 638 -5.55 -8.13 -9.82
C ALA A 638 -5.23 -6.67 -9.52
N ALA A 639 -5.74 -5.75 -10.33
CA ALA A 639 -5.52 -4.34 -10.06
C ALA A 639 -6.15 -3.92 -8.74
N SER A 640 -7.30 -4.49 -8.40
CA SER A 640 -7.92 -4.21 -7.12
C SER A 640 -7.22 -4.89 -5.96
N LEU A 641 -6.52 -5.99 -6.22
CA LEU A 641 -5.81 -6.71 -5.17
C LEU A 641 -4.40 -6.19 -4.94
N SER A 642 -3.80 -5.58 -5.95
CA SER A 642 -2.53 -4.86 -5.76
C SER A 642 -2.80 -3.54 -5.07
N PHE A 643 -3.51 -3.59 -3.93
CA PHE A 643 -4.00 -2.42 -3.21
C PHE A 643 -4.90 -1.57 -4.10
N LYS A 644 -5.30 -0.40 -3.59
CA LYS A 644 -6.16 0.54 -4.31
C LYS A 644 -7.51 -0.10 -4.66
N ASP A 645 -8.33 -0.25 -3.61
CA ASP A 645 -9.68 -0.78 -3.77
C ASP A 645 -10.63 0.36 -4.16
N PRO A 646 -11.42 0.20 -5.26
CA PRO A 646 -12.26 1.32 -5.76
C PRO A 646 -13.59 1.49 -5.03
N PHE A 647 -13.53 2.13 -3.86
CA PHE A 647 -14.71 2.47 -3.10
C PHE A 647 -14.42 3.67 -2.21
N VAL A 648 -15.43 4.51 -2.03
CA VAL A 648 -15.33 5.68 -1.17
C VAL A 648 -16.54 5.70 -0.23
N ILE A 649 -16.30 6.08 1.02
CA ILE A 649 -17.33 6.15 2.04
C ILE A 649 -17.33 7.56 2.63
N PRO A 650 -18.43 8.32 2.51
CA PRO A 650 -18.38 9.73 2.91
C PRO A 650 -18.92 10.01 4.30
N LEU A 651 -18.15 10.77 5.09
CA LEU A 651 -18.59 11.30 6.37
C LEU A 651 -19.05 10.20 7.32
N GLY A 652 -20.35 10.14 7.56
CA GLY A 652 -20.90 9.20 8.52
C GLY A 652 -22.00 8.30 8.00
N LYS A 653 -22.24 8.34 6.70
CA LYS A 653 -23.24 7.48 6.06
C LYS A 653 -22.51 6.34 5.35
N GLU A 654 -22.27 5.26 6.10
CA GLU A 654 -21.64 4.07 5.55
C GLU A 654 -22.58 2.88 5.38
N LYS A 655 -23.73 2.91 6.05
CA LYS A 655 -24.72 1.84 5.85
C LYS A 655 -25.17 1.77 4.41
N VAL A 656 -25.45 2.92 3.79
CA VAL A 656 -25.81 2.95 2.38
C VAL A 656 -24.66 2.47 1.51
N ALA A 657 -23.42 2.73 1.94
CA ALA A 657 -22.27 2.23 1.21
C ALA A 657 -22.23 0.71 1.22
N ASP A 658 -22.43 0.10 2.38
CA ASP A 658 -22.47 -1.36 2.45
C ASP A 658 -23.69 -1.91 1.71
N ALA A 659 -24.78 -1.16 1.64
CA ALA A 659 -25.96 -1.62 0.92
C ALA A 659 -25.71 -1.63 -0.58
N ARG A 660 -25.02 -0.62 -1.10
CA ARG A 660 -24.72 -0.58 -2.52
C ARG A 660 -23.63 -1.58 -2.88
N ARG A 661 -22.66 -1.77 -1.99
CA ARG A 661 -21.61 -2.76 -2.24
C ARG A 661 -22.19 -4.17 -2.26
N LYS A 662 -22.92 -4.54 -1.20
CA LYS A 662 -23.56 -5.85 -1.17
C LYS A 662 -24.58 -6.00 -2.28
N GLU A 663 -25.20 -4.89 -2.72
CA GLU A 663 -26.10 -4.94 -3.85
C GLU A 663 -25.35 -5.29 -5.14
N LEU A 664 -24.16 -4.71 -5.31
CA LEU A 664 -23.31 -5.09 -6.44
C LEU A 664 -22.79 -6.51 -6.32
N ALA A 665 -22.70 -7.04 -5.09
CA ALA A 665 -22.25 -8.42 -4.91
C ALA A 665 -23.28 -9.42 -5.43
N ALA A 666 -24.56 -9.08 -5.36
CA ALA A 666 -25.67 -9.93 -5.80
C ALA A 666 -25.60 -11.24 -5.01
N ALA A 667 -25.46 -12.40 -5.65
CA ALA A 667 -25.37 -13.67 -4.96
C ALA A 667 -24.02 -14.35 -5.17
N THR A 668 -23.00 -13.60 -5.59
CA THR A 668 -21.69 -14.20 -5.83
C THR A 668 -20.97 -14.51 -4.53
N ALA A 669 -21.29 -13.78 -3.46
CA ALA A 669 -20.61 -13.93 -2.16
C ALA A 669 -19.09 -13.77 -2.33
N SER A 670 -18.71 -12.73 -3.05
CA SER A 670 -17.30 -12.50 -3.39
C SER A 670 -17.04 -11.01 -3.48
N ASP A 671 -16.01 -10.54 -2.78
CA ASP A 671 -15.60 -9.15 -2.91
C ASP A 671 -14.96 -8.89 -4.28
N HIS A 672 -14.17 -9.84 -4.76
CA HIS A 672 -13.50 -9.67 -6.05
C HIS A 672 -14.51 -9.66 -7.19
N LEU A 673 -15.45 -10.62 -7.18
CA LEU A 673 -16.51 -10.60 -8.19
C LEU A 673 -17.38 -9.36 -8.06
N THR A 674 -17.52 -8.82 -6.84
CA THR A 674 -18.20 -7.54 -6.66
C THR A 674 -17.44 -6.42 -7.38
N VAL A 675 -16.10 -6.45 -7.30
CA VAL A 675 -15.30 -5.48 -8.04
C VAL A 675 -15.47 -5.67 -9.53
N VAL A 676 -15.61 -6.93 -9.98
CA VAL A 676 -15.81 -7.20 -11.40
C VAL A 676 -17.14 -6.62 -11.87
N ASN A 677 -18.20 -6.85 -11.11
CA ASN A 677 -19.51 -6.32 -11.48
C ASN A 677 -19.54 -4.81 -11.43
N ALA A 678 -18.84 -4.22 -10.45
CA ALA A 678 -18.76 -2.76 -10.38
C ALA A 678 -18.03 -2.19 -11.59
N PHE A 679 -16.94 -2.83 -12.01
CA PHE A 679 -16.21 -2.36 -13.17
C PHE A 679 -17.00 -2.56 -14.45
N LYS A 680 -17.80 -3.64 -14.53
CA LYS A 680 -18.64 -3.86 -15.70
C LYS A 680 -19.74 -2.81 -15.78
N GLY A 681 -20.40 -2.53 -14.66
CA GLY A 681 -21.40 -1.47 -14.64
C GLY A 681 -20.80 -0.10 -14.93
N TRP A 682 -19.56 0.13 -14.50
CA TRP A 682 -18.90 1.39 -14.81
C TRP A 682 -18.55 1.48 -16.28
N GLU A 683 -18.21 0.35 -16.91
CA GLU A 683 -17.92 0.37 -18.35
C GLU A 683 -19.19 0.59 -19.15
N LYS A 684 -20.28 -0.09 -18.81
CA LYS A 684 -21.54 0.12 -19.52
C LYS A 684 -22.05 1.54 -19.32
N ALA A 685 -21.95 2.06 -18.10
CA ALA A 685 -22.35 3.45 -17.85
C ALA A 685 -21.43 4.43 -18.58
N LYS A 686 -20.16 4.06 -18.79
CA LYS A 686 -19.27 4.91 -19.56
C LYS A 686 -19.67 4.93 -21.03
N GLN A 687 -19.93 3.75 -21.59
CA GLN A 687 -20.38 3.67 -22.98
C GLN A 687 -21.75 4.33 -23.18
N ARG A 688 -22.54 4.44 -22.11
CA ARG A 688 -23.86 5.03 -22.23
C ARG A 688 -23.79 6.55 -22.38
N GLY A 689 -23.20 7.23 -21.41
CA GLY A 689 -23.09 8.68 -21.48
C GLY A 689 -22.25 9.22 -20.34
N PHE A 690 -21.92 10.51 -20.46
CA PHE A 690 -21.11 11.16 -19.44
C PHE A 690 -21.92 11.43 -18.18
N ARG A 691 -23.20 11.80 -18.33
CA ARG A 691 -24.04 12.05 -17.17
C ARG A 691 -24.28 10.76 -16.39
N TYR A 692 -24.54 9.65 -17.10
CA TYR A 692 -24.78 8.38 -16.43
C TYR A 692 -23.57 7.85 -15.71
N GLU A 693 -22.37 8.26 -16.10
CA GLU A 693 -21.17 7.86 -15.37
C GLU A 693 -21.09 8.56 -14.01
N LYS A 694 -21.31 9.87 -14.00
CA LYS A 694 -21.31 10.62 -12.74
C LYS A 694 -22.46 10.17 -11.85
N ASP A 695 -23.62 9.90 -12.44
CA ASP A 695 -24.73 9.35 -11.66
C ASP A 695 -24.42 7.95 -11.15
N TYR A 696 -23.60 7.20 -11.88
CA TYR A 696 -23.25 5.85 -11.44
C TYR A 696 -22.28 5.89 -10.26
N CYS A 697 -21.21 6.69 -10.38
CA CYS A 697 -20.27 6.82 -9.27
C CYS A 697 -20.93 7.45 -8.06
N TRP A 698 -21.82 8.41 -8.29
CA TRP A 698 -22.56 9.03 -7.19
C TRP A 698 -23.52 8.04 -6.55
N GLU A 699 -24.10 7.14 -7.33
CA GLU A 699 -25.09 6.21 -6.79
C GLU A 699 -24.42 5.07 -6.02
N TYR A 700 -23.33 4.52 -6.55
CA TYR A 700 -22.69 3.36 -5.95
C TYR A 700 -21.40 3.71 -5.21
N PHE A 701 -21.16 4.99 -4.95
CA PHE A 701 -20.04 5.45 -4.11
C PHE A 701 -18.70 5.02 -4.72
N LEU A 702 -18.42 5.54 -5.91
CA LEU A 702 -17.20 5.21 -6.62
C LEU A 702 -16.40 6.47 -6.91
N SER A 703 -15.13 6.26 -7.28
CA SER A 703 -14.22 7.34 -7.64
C SER A 703 -13.66 7.05 -9.02
N SER A 704 -14.02 7.89 -10.00
CA SER A 704 -13.58 7.67 -11.37
C SER A 704 -12.08 7.77 -11.52
N ASN A 705 -11.39 8.44 -10.59
CA ASN A 705 -9.93 8.47 -10.62
C ASN A 705 -9.35 7.10 -10.32
N THR A 706 -9.82 6.46 -9.25
CA THR A 706 -9.34 5.13 -8.91
C THR A 706 -9.73 4.11 -9.98
N LEU A 707 -10.96 4.19 -10.48
CA LEU A 707 -11.41 3.28 -11.54
C LEU A 707 -10.55 3.47 -12.79
N GLN A 708 -10.28 4.71 -13.17
CA GLN A 708 -9.43 4.97 -14.33
C GLN A 708 -8.03 4.42 -14.12
N MET A 709 -7.47 4.62 -12.92
CA MET A 709 -6.13 4.12 -12.62
C MET A 709 -6.08 2.59 -12.69
N LEU A 710 -7.12 1.92 -12.19
CA LEU A 710 -7.17 0.47 -12.29
C LEU A 710 -7.34 0.01 -13.73
N HIS A 711 -8.07 0.77 -14.54
CA HIS A 711 -8.18 0.45 -15.97
C HIS A 711 -6.81 0.52 -16.64
N ASN A 712 -6.08 1.61 -16.39
CA ASN A 712 -4.72 1.71 -16.93
C ASN A 712 -3.84 0.57 -16.43
N MET A 713 -4.02 0.18 -15.16
CA MET A 713 -3.27 -0.95 -14.63
C MET A 713 -3.58 -2.23 -15.39
N LYS A 714 -4.84 -2.43 -15.76
CA LYS A 714 -5.19 -3.53 -16.65
C LYS A 714 -4.45 -3.42 -17.97
N GLY A 715 -4.35 -2.19 -18.50
CA GLY A 715 -3.60 -2.00 -19.74
C GLY A 715 -2.15 -2.43 -19.61
N GLN A 716 -1.50 -2.06 -18.50
CA GLN A 716 -0.10 -2.43 -18.32
C GLN A 716 0.06 -3.94 -18.10
N PHE A 717 -0.86 -4.54 -17.34
CA PHE A 717 -0.83 -5.98 -17.13
C PHE A 717 -0.94 -6.73 -18.45
N ALA A 718 -1.91 -6.33 -19.29
CA ALA A 718 -2.04 -6.95 -20.60
C ALA A 718 -0.83 -6.66 -21.48
N GLU A 719 -0.19 -5.51 -21.29
CA GLU A 719 1.03 -5.21 -22.04
C GLU A 719 2.15 -6.18 -21.68
N HIS A 720 2.32 -6.45 -20.38
CA HIS A 720 3.33 -7.42 -19.97
C HIS A 720 2.98 -8.83 -20.41
N LEU A 721 1.70 -9.21 -20.30
CA LEU A 721 1.30 -10.55 -20.71
C LEU A 721 1.47 -10.76 -22.21
N LEU A 722 1.30 -9.70 -23.01
CA LEU A 722 1.60 -9.82 -24.43
C LEU A 722 3.10 -9.84 -24.68
N GLY A 723 3.86 -9.06 -23.91
CA GLY A 723 5.31 -9.12 -24.01
C GLY A 723 5.90 -10.46 -23.63
N ALA A 724 5.16 -11.25 -22.86
CA ALA A 724 5.63 -12.58 -22.49
C ALA A 724 5.08 -13.68 -23.40
N GLY A 725 4.03 -13.39 -24.16
CA GLY A 725 3.48 -14.34 -25.10
C GLY A 725 2.29 -15.13 -24.62
N PHE A 726 1.57 -14.66 -23.60
CA PHE A 726 0.44 -15.40 -23.09
C PHE A 726 -0.85 -15.08 -23.84
N VAL A 727 -0.97 -13.86 -24.36
CA VAL A 727 -2.18 -13.45 -25.09
C VAL A 727 -1.80 -13.15 -26.54
N SER A 728 -2.79 -12.74 -27.32
CA SER A 728 -2.61 -12.46 -28.73
C SER A 728 -2.64 -10.99 -29.09
N SER A 729 -3.12 -10.12 -28.19
CA SER A 729 -3.19 -8.70 -28.46
C SER A 729 -3.12 -7.93 -27.14
N ARG A 730 -2.93 -6.62 -27.26
CA ARG A 730 -2.83 -5.77 -26.08
C ARG A 730 -4.15 -5.61 -25.35
N ASN A 731 -5.27 -5.89 -26.02
CA ASN A 731 -6.58 -5.61 -25.46
C ASN A 731 -6.92 -6.61 -24.35
N PRO A 732 -7.19 -6.15 -23.12
CA PRO A 732 -7.67 -7.09 -22.09
C PRO A 732 -9.04 -7.65 -22.41
N GLN A 733 -9.85 -6.94 -23.20
CA GLN A 733 -11.17 -7.41 -23.62
C GLN A 733 -11.14 -8.06 -25.00
N ASP A 734 -10.00 -8.63 -25.38
CA ASP A 734 -9.90 -9.31 -26.65
C ASP A 734 -10.65 -10.64 -26.61
N PRO A 735 -11.54 -10.91 -27.56
CA PRO A 735 -12.27 -12.19 -27.52
C PRO A 735 -11.37 -13.41 -27.66
N GLU A 736 -10.16 -13.25 -28.21
CA GLU A 736 -9.21 -14.36 -28.25
C GLU A 736 -8.79 -14.78 -26.85
N SER A 737 -8.70 -13.83 -25.92
CA SER A 737 -8.32 -14.10 -24.55
C SER A 737 -9.48 -13.91 -23.58
N ASN A 738 -10.71 -13.93 -24.07
CA ASN A 738 -11.88 -13.75 -23.22
C ASN A 738 -13.06 -14.55 -23.76
N ILE A 739 -12.81 -15.81 -24.12
CA ILE A 739 -13.90 -16.70 -24.53
C ILE A 739 -14.71 -17.11 -23.31
N ASN A 740 -14.05 -17.45 -22.20
CA ASN A 740 -14.70 -17.89 -20.99
C ASN A 740 -14.88 -16.76 -19.98
N SER A 741 -14.64 -15.51 -20.38
CA SER A 741 -14.59 -14.39 -19.45
C SER A 741 -15.90 -14.19 -18.69
N ASP A 742 -17.02 -14.64 -19.24
CA ASP A 742 -18.34 -14.46 -18.63
C ASP A 742 -18.80 -15.79 -18.04
N ASN A 743 -18.14 -16.20 -16.95
CA ASN A 743 -18.53 -17.41 -16.23
C ASN A 743 -17.95 -17.33 -14.82
N GLU A 744 -18.83 -17.41 -13.81
CA GLU A 744 -18.39 -17.24 -12.43
C GLU A 744 -17.51 -18.39 -11.96
N LYS A 745 -17.84 -19.61 -12.38
CA LYS A 745 -17.14 -20.79 -11.86
C LYS A 745 -15.66 -20.75 -12.18
N ILE A 746 -15.31 -20.52 -13.45
CA ILE A 746 -13.91 -20.55 -13.84
C ILE A 746 -13.17 -19.32 -13.34
N ILE A 747 -13.88 -18.20 -13.18
CA ILE A 747 -13.24 -17.00 -12.63
C ILE A 747 -12.85 -17.24 -11.17
N LYS A 748 -13.76 -17.81 -10.38
CA LYS A 748 -13.43 -18.17 -9.01
C LYS A 748 -12.34 -19.24 -8.98
N ALA A 749 -12.34 -20.15 -9.96
CA ALA A 749 -11.27 -21.14 -10.05
C ALA A 749 -9.92 -20.47 -10.25
N VAL A 750 -9.87 -19.44 -11.09
CA VAL A 750 -8.62 -18.71 -11.29
C VAL A 750 -8.26 -17.91 -10.03
N ILE A 751 -9.26 -17.44 -9.29
CA ILE A 751 -8.98 -16.72 -8.05
C ILE A 751 -8.32 -17.67 -7.04
N CYS A 752 -8.85 -18.89 -6.91
CA CYS A 752 -8.25 -19.85 -6.00
C CYS A 752 -6.90 -20.32 -6.52
N ALA A 753 -6.72 -20.39 -7.84
CA ALA A 753 -5.45 -20.82 -8.40
C ALA A 753 -4.36 -19.76 -8.21
N GLY A 754 -4.74 -18.48 -8.19
CA GLY A 754 -3.76 -17.43 -8.08
C GLY A 754 -3.06 -17.43 -6.73
N LEU A 755 -3.83 -17.52 -5.65
CA LEU A 755 -3.26 -17.60 -4.32
C LEU A 755 -2.49 -18.91 -4.16
N TYR A 756 -3.24 -20.00 -3.92
CA TYR A 756 -2.89 -21.41 -3.71
C TYR A 756 -2.98 -21.75 -2.23
N PRO A 757 -2.35 -20.98 -1.30
CA PRO A 757 -2.74 -21.12 0.11
C PRO A 757 -3.69 -20.00 0.50
N LYS A 758 -3.58 -19.52 1.74
CA LYS A 758 -4.47 -18.47 2.26
C LYS A 758 -5.93 -18.86 2.08
N VAL A 759 -6.26 -20.08 2.52
CA VAL A 759 -7.60 -20.62 2.42
C VAL A 759 -8.19 -20.75 3.82
N ALA A 760 -9.47 -20.40 3.96
CA ALA A 760 -10.14 -20.40 5.24
C ALA A 760 -11.37 -21.30 5.20
N LYS A 761 -11.65 -21.94 6.34
CA LYS A 761 -12.78 -22.86 6.47
C LYS A 761 -13.99 -22.11 7.00
N ILE A 762 -15.14 -22.36 6.39
CA ILE A 762 -16.42 -21.82 6.85
C ILE A 762 -17.12 -22.87 7.70
N ARG A 763 -17.60 -22.47 8.87
CA ARG A 763 -18.27 -23.36 9.80
C ARG A 763 -19.68 -22.87 10.08
N LEU A 764 -20.61 -23.82 10.20
CA LEU A 764 -22.00 -23.53 10.49
C LEU A 764 -22.29 -23.87 11.95
N ASN A 765 -22.92 -22.93 12.66
CA ASN A 765 -23.19 -23.09 14.08
C ASN A 765 -24.67 -22.86 14.36
N LEU A 766 -25.12 -23.39 15.50
CA LEU A 766 -26.51 -23.17 15.90
C LEU A 766 -26.71 -21.76 16.45
N GLY A 767 -25.65 -21.13 16.95
CA GLY A 767 -25.62 -19.77 17.46
C GLY A 767 -26.72 -19.51 18.45
N LYS A 768 -27.15 -18.25 18.53
CA LYS A 768 -28.28 -17.87 19.36
C LYS A 768 -29.57 -18.35 18.71
N LYS A 769 -29.75 -19.68 18.67
CA LYS A 769 -30.86 -20.36 18.01
C LYS A 769 -30.82 -20.16 16.49
N ARG A 770 -29.95 -19.28 16.01
CA ARG A 770 -29.84 -18.98 14.58
C ARG A 770 -28.38 -19.09 14.15
N LYS A 771 -28.19 -19.32 12.86
CA LYS A 771 -26.84 -19.55 12.32
C LYS A 771 -25.98 -18.30 12.47
N MET A 772 -24.67 -18.52 12.54
CA MET A 772 -23.70 -17.44 12.65
C MET A 772 -22.43 -17.84 11.91
N VAL A 773 -21.45 -16.93 11.90
CA VAL A 773 -20.23 -17.10 11.12
C VAL A 773 -19.13 -17.62 12.03
N LYS A 774 -18.39 -18.62 11.55
CA LYS A 774 -17.24 -19.18 12.25
C LYS A 774 -16.20 -19.55 11.21
N VAL A 775 -15.00 -18.99 11.32
CA VAL A 775 -13.95 -19.17 10.33
C VAL A 775 -12.67 -19.67 11.00
N TYR A 776 -11.87 -20.41 10.24
CA TYR A 776 -10.57 -20.89 10.71
C TYR A 776 -9.59 -20.86 9.55
N THR A 777 -8.29 -20.80 9.89
CA THR A 777 -7.23 -20.75 8.88
C THR A 777 -6.16 -21.81 9.07
N LYS A 778 -6.26 -22.64 10.10
CA LYS A 778 -5.30 -23.70 10.41
C LYS A 778 -3.90 -23.16 10.73
N THR A 779 -3.76 -21.84 10.86
CA THR A 779 -2.47 -21.24 11.22
C THR A 779 -2.65 -20.31 12.42
N ASP A 780 -3.50 -19.29 12.25
CA ASP A 780 -3.78 -18.34 13.32
C ASP A 780 -4.87 -18.82 14.27
N GLY A 781 -5.62 -19.84 13.89
CA GLY A 781 -6.67 -20.38 14.75
C GLY A 781 -8.03 -19.83 14.37
N VAL A 782 -8.75 -19.28 15.34
CA VAL A 782 -10.08 -18.73 15.11
C VAL A 782 -9.94 -17.33 14.55
N VAL A 783 -10.54 -17.10 13.38
CA VAL A 783 -10.49 -15.80 12.72
C VAL A 783 -11.93 -15.36 12.43
N ALA A 784 -12.07 -14.12 11.97
CA ALA A 784 -13.37 -13.53 11.66
C ALA A 784 -13.24 -12.69 10.40
N ILE A 785 -14.39 -12.30 9.85
CA ILE A 785 -14.46 -11.55 8.60
C ILE A 785 -14.63 -10.08 8.94
N HIS A 786 -13.88 -9.22 8.26
CA HIS A 786 -13.92 -7.80 8.57
C HIS A 786 -15.21 -7.18 8.03
N PRO A 787 -15.77 -6.17 8.72
CA PRO A 787 -17.02 -5.58 8.24
C PRO A 787 -16.92 -4.91 6.88
N LYS A 788 -15.72 -4.62 6.38
CA LYS A 788 -15.61 -3.96 5.08
C LYS A 788 -15.91 -4.90 3.92
N SER A 789 -16.03 -6.20 4.16
CA SER A 789 -16.29 -7.17 3.12
C SER A 789 -17.80 -7.27 2.87
N VAL A 790 -18.21 -8.31 2.14
CA VAL A 790 -19.61 -8.56 1.85
C VAL A 790 -20.14 -9.73 2.66
N ASN A 791 -19.35 -10.78 2.82
CA ASN A 791 -19.77 -11.98 3.55
C ASN A 791 -19.64 -11.79 5.05
N VAL A 792 -19.85 -10.57 5.54
CA VAL A 792 -19.72 -10.30 6.97
C VAL A 792 -20.84 -10.98 7.73
N GLU A 793 -22.09 -10.76 7.32
CA GLU A 793 -23.25 -11.35 7.96
C GLU A 793 -23.97 -12.33 7.04
N GLN A 794 -23.28 -12.83 6.01
CA GLN A 794 -23.89 -13.79 5.10
C GLN A 794 -24.10 -15.14 5.79
N THR A 795 -25.16 -15.82 5.40
CA THR A 795 -25.49 -17.11 5.99
C THR A 795 -25.70 -18.18 4.92
N GLU A 796 -26.21 -17.78 3.76
CA GLU A 796 -26.54 -18.71 2.69
C GLU A 796 -25.33 -18.87 1.78
N PHE A 797 -24.60 -19.97 1.96
CA PHE A 797 -23.42 -20.27 1.16
C PHE A 797 -23.62 -21.57 0.41
N ASN A 798 -23.17 -21.59 -0.84
CA ASN A 798 -23.26 -22.81 -1.64
C ASN A 798 -22.23 -23.84 -1.19
N TYR A 799 -21.04 -23.40 -0.83
CA TYR A 799 -19.96 -24.26 -0.39
C TYR A 799 -19.48 -23.81 0.99
N ASN A 800 -18.50 -24.53 1.52
CA ASN A 800 -18.02 -24.33 2.89
C ASN A 800 -16.53 -23.99 2.92
N TRP A 801 -16.06 -23.22 1.94
CA TRP A 801 -14.67 -22.83 1.90
C TRP A 801 -14.53 -21.44 1.28
N LEU A 802 -13.63 -20.64 1.84
CA LEU A 802 -13.37 -19.30 1.34
C LEU A 802 -11.86 -19.12 1.15
N ILE A 803 -11.49 -18.03 0.48
CA ILE A 803 -10.09 -17.69 0.27
C ILE A 803 -9.93 -16.19 0.45
N TYR A 804 -8.76 -15.78 0.94
CA TYR A 804 -8.47 -14.39 1.28
C TYR A 804 -7.11 -14.00 0.72
N HIS A 805 -6.74 -12.75 0.96
CA HIS A 805 -5.46 -12.19 0.51
C HIS A 805 -4.77 -11.38 1.58
N LEU A 806 -5.51 -10.63 2.39
CA LEU A 806 -4.94 -9.77 3.42
C LEU A 806 -5.46 -10.19 4.78
N LYS A 807 -4.57 -10.67 5.64
CA LYS A 807 -4.87 -10.93 7.04
C LYS A 807 -4.31 -9.80 7.89
N MET A 808 -5.11 -9.30 8.83
CA MET A 808 -4.70 -8.20 9.67
C MET A 808 -5.05 -8.50 11.13
N ARG A 809 -4.13 -8.20 12.02
CA ARG A 809 -4.28 -8.44 13.46
C ARG A 809 -4.65 -7.12 14.14
N THR A 810 -5.89 -7.03 14.60
CA THR A 810 -6.35 -5.89 15.37
C THR A 810 -6.92 -6.36 16.70
N SER A 811 -8.24 -6.21 16.88
CA SER A 811 -8.89 -6.85 18.02
C SER A 811 -8.88 -8.37 17.86
N SER A 812 -9.11 -8.84 16.64
CA SER A 812 -9.00 -10.25 16.30
C SER A 812 -8.47 -10.36 14.87
N ILE A 813 -8.08 -11.57 14.49
CA ILE A 813 -7.57 -11.79 13.14
C ILE A 813 -8.69 -11.59 12.14
N TYR A 814 -8.49 -10.68 11.18
CA TYR A 814 -9.51 -10.30 10.23
C TYR A 814 -9.02 -10.50 8.80
N LEU A 815 -9.92 -10.94 7.94
CA LEU A 815 -9.68 -11.07 6.51
C LEU A 815 -10.43 -9.95 5.80
N TYR A 816 -9.68 -9.03 5.20
CA TYR A 816 -10.29 -7.86 4.58
C TYR A 816 -10.91 -8.13 3.22
N ASP A 817 -10.65 -9.31 2.64
CA ASP A 817 -11.25 -9.69 1.38
C ASP A 817 -11.26 -11.20 1.29
N CYS A 818 -12.37 -11.77 0.82
CA CYS A 818 -12.49 -13.22 0.74
C CYS A 818 -13.58 -13.55 -0.28
N THR A 819 -13.56 -14.79 -0.75
CA THR A 819 -14.59 -15.26 -1.68
C THR A 819 -14.76 -16.76 -1.52
N GLU A 820 -15.98 -17.23 -1.81
CA GLU A 820 -16.26 -18.65 -1.76
C GLU A 820 -15.57 -19.37 -2.92
N VAL A 821 -15.31 -20.66 -2.71
CA VAL A 821 -14.60 -21.47 -3.70
C VAL A 821 -15.20 -22.86 -3.71
N SER A 822 -15.55 -23.35 -4.89
CA SER A 822 -16.09 -24.69 -5.02
C SER A 822 -15.02 -25.71 -4.64
N PRO A 823 -15.39 -26.84 -4.03
CA PRO A 823 -14.38 -27.85 -3.71
C PRO A 823 -13.65 -28.38 -4.92
N TYR A 824 -14.30 -28.40 -6.09
CA TYR A 824 -13.63 -28.83 -7.30
C TYR A 824 -12.61 -27.79 -7.76
N CYS A 825 -12.82 -26.52 -7.41
CA CYS A 825 -11.87 -25.47 -7.78
C CYS A 825 -10.56 -25.63 -7.02
N LEU A 826 -10.63 -25.65 -5.68
CA LEU A 826 -9.42 -25.79 -4.87
C LEU A 826 -8.80 -27.17 -5.01
N LEU A 827 -9.57 -28.18 -5.47
CA LEU A 827 -9.01 -29.50 -5.70
C LEU A 827 -8.00 -29.51 -6.85
N PHE A 828 -8.07 -28.55 -7.75
CA PHE A 828 -7.17 -28.52 -8.91
C PHE A 828 -5.93 -27.68 -8.68
N PHE A 829 -5.92 -26.81 -7.67
CA PHE A 829 -4.80 -25.91 -7.47
C PHE A 829 -4.41 -25.77 -6.00
N GLY A 830 -4.88 -26.66 -5.14
CA GLY A 830 -4.59 -26.57 -3.72
C GLY A 830 -3.18 -27.00 -3.36
N GLY A 831 -2.81 -28.22 -3.72
CA GLY A 831 -1.50 -28.74 -3.39
C GLY A 831 -1.43 -30.26 -3.38
N ASP A 832 -0.71 -30.84 -2.42
CA ASP A 832 -0.62 -32.28 -2.34
C ASP A 832 -1.97 -32.89 -2.00
N ILE A 833 -2.18 -34.12 -2.46
CA ILE A 833 -3.46 -34.82 -2.32
C ILE A 833 -3.21 -36.13 -1.58
N SER A 834 -4.03 -36.37 -0.56
CA SER A 834 -4.01 -37.62 0.18
C SER A 834 -5.42 -38.19 0.24
N ILE A 835 -5.53 -39.50 0.10
CA ILE A 835 -6.82 -40.19 0.03
C ILE A 835 -6.81 -41.24 1.13
N GLN A 836 -7.32 -40.87 2.31
CA GLN A 836 -7.41 -41.79 3.45
C GLN A 836 -8.74 -41.59 4.13
N LYS A 837 -9.46 -42.68 4.38
CA LYS A 837 -10.78 -42.63 4.98
C LYS A 837 -10.83 -43.53 6.21
N ASP A 838 -11.65 -43.14 7.18
CA ASP A 838 -11.84 -43.93 8.39
C ASP A 838 -13.27 -43.74 8.87
N ASN A 839 -14.02 -44.84 8.94
CA ASN A 839 -15.41 -44.85 9.40
C ASN A 839 -16.30 -44.00 8.52
N ASP A 840 -15.95 -43.86 7.25
CA ASP A 840 -16.74 -43.09 6.29
C ASP A 840 -16.29 -43.46 4.88
N GLN A 841 -16.95 -42.86 3.89
CA GLN A 841 -16.54 -43.04 2.51
C GLN A 841 -15.14 -42.46 2.29
N GLU A 842 -14.55 -42.80 1.16
CA GLU A 842 -13.19 -42.34 0.84
C GLU A 842 -13.14 -40.82 0.86
N THR A 843 -12.08 -40.28 1.46
CA THR A 843 -11.95 -38.85 1.68
C THR A 843 -10.69 -38.32 1.01
N ILE A 844 -10.84 -37.19 0.32
CA ILE A 844 -9.73 -36.52 -0.35
C ILE A 844 -9.32 -35.32 0.49
N ALA A 845 -8.02 -35.20 0.74
CA ALA A 845 -7.46 -34.14 1.57
C ALA A 845 -6.39 -33.40 0.78
N VAL A 846 -6.56 -32.08 0.65
CA VAL A 846 -5.56 -31.21 0.05
C VAL A 846 -4.84 -30.48 1.17
N ASP A 847 -3.50 -30.55 1.17
CA ASP A 847 -2.69 -30.02 2.26
C ASP A 847 -3.10 -30.63 3.59
N GLU A 848 -3.56 -31.88 3.56
CA GLU A 848 -3.96 -32.67 4.72
C GLU A 848 -5.23 -32.17 5.39
N TRP A 849 -5.22 -30.92 5.89
CA TRP A 849 -6.24 -30.51 6.84
C TRP A 849 -7.59 -30.21 6.21
N ILE A 850 -7.69 -30.10 4.89
CA ILE A 850 -8.98 -29.95 4.22
C ILE A 850 -9.32 -31.26 3.54
N ILE A 851 -10.48 -31.83 3.88
CA ILE A 851 -10.88 -33.16 3.46
C ILE A 851 -12.36 -33.19 3.17
N PHE A 852 -12.75 -33.99 2.18
CA PHE A 852 -14.17 -34.24 1.92
C PHE A 852 -14.33 -35.61 1.26
N GLN A 853 -15.45 -36.25 1.55
CA GLN A 853 -15.66 -37.66 1.20
C GLN A 853 -16.26 -37.81 -0.20
N SER A 854 -15.79 -38.83 -0.91
CA SER A 854 -16.25 -39.15 -2.26
C SER A 854 -15.69 -40.53 -2.63
N PRO A 855 -16.29 -41.21 -3.61
CA PRO A 855 -15.79 -42.53 -4.00
C PRO A 855 -14.31 -42.49 -4.38
N ALA A 856 -13.59 -43.53 -3.96
CA ALA A 856 -12.13 -43.57 -4.15
C ALA A 856 -11.76 -43.77 -5.61
N ARG A 857 -12.50 -44.63 -6.32
CA ARG A 857 -12.23 -44.89 -7.73
C ARG A 857 -12.27 -43.61 -8.56
N ILE A 858 -12.98 -42.59 -8.09
CA ILE A 858 -12.93 -41.28 -8.73
C ILE A 858 -11.80 -40.44 -8.16
N ALA A 859 -11.46 -40.63 -6.89
CA ALA A 859 -10.42 -39.82 -6.25
C ALA A 859 -9.06 -40.07 -6.88
N HIS A 860 -8.69 -41.34 -7.05
CA HIS A 860 -7.41 -41.66 -7.68
C HIS A 860 -7.37 -41.14 -9.11
N LEU A 861 -8.49 -41.23 -9.82
CA LEU A 861 -8.58 -40.68 -11.16
C LEU A 861 -8.32 -39.17 -11.15
N VAL A 862 -8.90 -38.46 -10.18
CA VAL A 862 -8.64 -37.03 -10.04
C VAL A 862 -7.17 -36.79 -9.69
N LYS A 863 -6.52 -37.74 -9.02
CA LYS A 863 -5.10 -37.59 -8.71
C LYS A 863 -4.25 -37.69 -9.97
N GLU A 864 -4.52 -38.70 -10.80
CA GLU A 864 -3.77 -38.83 -12.05
C GLU A 864 -4.02 -37.65 -12.97
N LEU A 865 -5.29 -37.28 -13.15
CA LEU A 865 -5.63 -36.10 -13.95
C LEU A 865 -4.97 -34.85 -13.38
N ARG A 866 -4.79 -34.80 -12.06
CA ARG A 866 -4.06 -33.69 -11.44
C ARG A 866 -2.59 -33.71 -11.84
N LYS A 867 -1.98 -34.90 -11.89
CA LYS A 867 -0.59 -35.01 -12.31
C LYS A 867 -0.41 -34.54 -13.75
N GLU A 868 -1.25 -35.04 -14.66
CA GLU A 868 -1.17 -34.61 -16.04
C GLU A 868 -1.42 -33.10 -16.16
N LEU A 869 -2.36 -32.59 -15.36
CA LEU A 869 -2.61 -31.15 -15.35
C LEU A 869 -1.37 -30.37 -14.93
N ASP A 870 -0.64 -30.88 -13.93
CA ASP A 870 0.58 -30.20 -13.50
C ASP A 870 1.65 -30.26 -14.58
N ILE A 871 1.74 -31.39 -15.30
CA ILE A 871 2.69 -31.49 -16.39
C ILE A 871 2.38 -30.45 -17.47
N LEU A 872 1.12 -30.39 -17.91
CA LEU A 872 0.76 -29.43 -18.95
C LEU A 872 0.88 -27.99 -18.45
N LEU A 873 0.72 -27.76 -17.16
CA LEU A 873 0.85 -26.42 -16.62
C LEU A 873 2.31 -25.97 -16.57
N GLN A 874 3.21 -26.88 -16.20
CA GLN A 874 4.63 -26.54 -16.20
C GLN A 874 5.15 -26.34 -17.62
N GLU A 875 4.80 -27.27 -18.52
CA GLU A 875 5.20 -27.12 -19.92
C GLU A 875 4.61 -25.85 -20.52
N LYS A 876 3.39 -25.49 -20.12
CA LYS A 876 2.80 -24.24 -20.58
C LYS A 876 3.44 -23.03 -19.92
N ILE A 877 4.11 -23.23 -18.78
CA ILE A 877 4.73 -22.11 -18.08
C ILE A 877 6.10 -21.79 -18.65
N GLU A 878 6.90 -22.83 -18.95
CA GLU A 878 8.25 -22.58 -19.45
C GLU A 878 8.24 -21.99 -20.86
N SER A 879 7.27 -22.37 -21.69
CA SER A 879 7.14 -21.84 -23.05
C SER A 879 5.67 -21.53 -23.31
N PRO A 880 5.24 -20.29 -23.08
CA PRO A 880 3.83 -19.94 -23.22
C PRO A 880 3.44 -19.54 -24.63
N HIS A 881 2.18 -19.82 -24.95
CA HIS A 881 1.57 -19.46 -26.22
C HIS A 881 0.06 -19.68 -26.09
N PRO A 882 -0.74 -19.05 -26.96
CA PRO A 882 -2.19 -19.24 -26.89
C PRO A 882 -2.59 -20.71 -27.00
N VAL A 883 -3.77 -21.01 -26.45
CA VAL A 883 -4.22 -22.40 -26.36
C VAL A 883 -4.52 -22.95 -27.75
N ASP A 884 -5.11 -22.13 -28.62
CA ASP A 884 -5.47 -22.52 -29.99
C ASP A 884 -6.44 -23.70 -29.98
N TRP A 885 -7.60 -23.47 -29.37
CA TRP A 885 -8.70 -24.44 -29.38
C TRP A 885 -9.20 -24.59 -30.82
N LYS A 886 -9.56 -25.81 -31.23
CA LYS A 886 -9.55 -26.98 -30.37
C LYS A 886 -8.96 -28.19 -31.07
N ASP A 887 -7.63 -28.30 -31.08
CA ASP A 887 -6.98 -29.45 -31.71
C ASP A 887 -7.06 -30.70 -30.83
N THR A 888 -7.39 -30.54 -29.55
CA THR A 888 -7.57 -31.63 -28.59
C THR A 888 -6.31 -32.47 -28.39
N LYS A 889 -5.21 -32.09 -29.05
CA LYS A 889 -3.94 -32.80 -28.84
C LYS A 889 -3.32 -32.40 -27.51
N SER A 890 -3.19 -31.10 -27.27
CA SER A 890 -2.72 -30.56 -25.99
C SER A 890 -3.80 -29.72 -25.31
N ARG A 891 -5.06 -29.95 -25.64
CA ARG A 891 -6.18 -29.16 -25.14
C ARG A 891 -7.15 -30.10 -24.44
N ASP A 892 -6.84 -30.44 -23.19
CA ASP A 892 -7.74 -31.19 -22.32
C ASP A 892 -8.30 -30.33 -21.20
N CYS A 893 -8.05 -29.02 -21.24
CA CYS A 893 -8.52 -28.13 -20.18
C CYS A 893 -10.02 -27.89 -20.25
N ALA A 894 -10.64 -28.06 -21.43
CA ALA A 894 -12.09 -27.96 -21.51
C ALA A 894 -12.77 -29.02 -20.68
N VAL A 895 -12.10 -30.16 -20.48
CA VAL A 895 -12.62 -31.20 -19.60
C VAL A 895 -12.70 -30.66 -18.17
N LEU A 896 -11.64 -30.01 -17.70
CA LEU A 896 -11.64 -29.47 -16.35
C LEU A 896 -12.63 -28.32 -16.21
N SER A 897 -12.75 -27.49 -17.26
CA SER A 897 -13.74 -26.42 -17.24
C SER A 897 -15.15 -26.97 -17.13
N ALA A 898 -15.45 -28.03 -17.87
CA ALA A 898 -16.74 -28.68 -17.75
C ALA A 898 -16.91 -29.33 -16.37
N ILE A 899 -15.81 -29.79 -15.77
CA ILE A 899 -15.88 -30.37 -14.44
C ILE A 899 -16.29 -29.30 -13.42
N ILE A 900 -15.65 -28.13 -13.49
CA ILE A 900 -15.99 -27.06 -12.56
C ILE A 900 -17.38 -26.50 -12.84
N ASP A 901 -17.80 -26.50 -14.11
CA ASP A 901 -19.11 -25.96 -14.46
C ASP A 901 -20.24 -26.80 -13.88
N LEU A 902 -20.01 -28.08 -13.64
CA LEU A 902 -21.01 -28.94 -13.01
C LEU A 902 -20.67 -29.11 -11.53
N ILE A 903 -21.64 -28.82 -10.67
CA ILE A 903 -21.45 -28.90 -9.23
C ILE A 903 -22.80 -28.94 -8.54
N LYS A 904 -22.80 -28.88 -7.21
CA LYS A 904 -24.02 -28.92 -6.43
C LYS A 904 -23.75 -28.23 -5.08
N THR A 905 -24.78 -28.21 -4.24
CA THR A 905 -24.66 -27.59 -2.92
C THR A 905 -23.88 -28.48 -1.97
K K C . -17.60 -21.29 31.03
K K D . -19.96 -18.90 30.45
#